data_7PN0
#
_entry.id   7PN0
#
_cell.length_a   106.290
_cell.length_b   106.290
_cell.length_c   333.290
_cell.angle_alpha   90.000
_cell.angle_beta   90.000
_cell.angle_gamma   120.000
#
_symmetry.space_group_name_H-M   'H 3 2'
#
loop_
_entity.id
_entity.type
_entity.pdbx_description
1 polymer 'Ribose-phosphate pyrophosphokinase'
2 non-polymer "ADENOSINE-5'-DIPHOSPHATE"
3 non-polymer 'SULFATE ION'
4 water water
#
_entity_poly.entity_id   1
_entity_poly.type   'polypeptide(L)'
_entity_poly.pdbx_seq_one_letter_code
;RPLLIFSGQSNRPLAQAIAEALGLPLGKSTTLRFANDNLFVRYEESLREGDVFIVQSFVPPVQDHLMELLMMVDAAKGAS
AARVTAVIPYFSYARSDKKDAPRISITARLIADLLQTAGADRVLTMTLHSPQVHGFFKIPVDHLSAEPVIANYFATRVDL
ENAVVVAPDAGDLKRASALARRLGLPLAFIDKERVSDTEVRVRMLVGEVEGKTALIVDDEISTAGSLVEAVEALMQAGAK
EVYAAATHGVYVGPALDRIAKSPVKEVAATDTCPPKEGPKLRTLTVAPLFAEAIWRIHRGESVSSLFTLEHHHHHH
;
_entity_poly.pdbx_strand_id   A,B
#
loop_
_chem_comp.id
_chem_comp.type
_chem_comp.name
_chem_comp.formula
ADP non-polymer ADENOSINE-5'-DIPHOSPHATE 'C10 H15 N5 O10 P2'
SO4 non-polymer 'SULFATE ION' 'O4 S -2'
#
# COMPACT_ATOMS: atom_id res chain seq x y z
N ARG A 1 -6.42 -19.80 -30.93
CA ARG A 1 -5.80 -18.51 -30.54
C ARG A 1 -4.30 -18.74 -30.40
N PRO A 2 -3.49 -18.39 -31.43
CA PRO A 2 -2.05 -18.49 -31.33
C PRO A 2 -1.48 -17.60 -30.21
N LEU A 3 -0.44 -18.08 -29.55
CA LEU A 3 0.32 -17.32 -28.57
C LEU A 3 1.35 -16.45 -29.32
N LEU A 4 1.34 -15.14 -29.14
CA LEU A 4 2.18 -14.20 -29.89
C LEU A 4 2.86 -13.25 -28.91
N ILE A 5 4.17 -13.08 -29.04
N ILE A 5 4.16 -13.06 -29.05
CA ILE A 5 4.90 -12.21 -28.10
CA ILE A 5 4.92 -12.22 -28.09
C ILE A 5 5.60 -11.13 -28.91
C ILE A 5 5.62 -11.13 -28.90
N PHE A 6 5.49 -9.89 -28.42
CA PHE A 6 6.14 -8.69 -29.01
C PHE A 6 6.86 -7.91 -27.93
N SER A 7 7.70 -6.97 -28.34
CA SER A 7 8.56 -6.17 -27.44
C SER A 7 8.47 -4.72 -27.88
N GLY A 8 8.46 -3.82 -26.91
CA GLY A 8 8.84 -2.43 -27.15
C GLY A 8 10.35 -2.29 -27.16
N GLN A 9 10.87 -1.07 -27.05
N GLN A 9 10.87 -1.07 -27.04
CA GLN A 9 12.33 -0.78 -27.17
CA GLN A 9 12.34 -0.81 -27.17
C GLN A 9 13.01 -0.91 -25.80
C GLN A 9 13.02 -0.92 -25.80
N SER A 10 12.25 -1.00 -24.71
CA SER A 10 12.81 -0.96 -23.35
C SER A 10 13.72 -2.18 -23.07
N ASN A 11 13.29 -3.40 -23.36
CA ASN A 11 14.01 -4.63 -22.92
C ASN A 11 13.83 -5.74 -23.94
N ARG A 12 14.24 -5.47 -25.17
CA ARG A 12 14.10 -6.45 -26.26
C ARG A 12 14.86 -7.74 -25.91
N PRO A 13 16.04 -7.68 -25.28
CA PRO A 13 16.73 -8.92 -24.87
C PRO A 13 15.92 -9.80 -23.92
N LEU A 14 15.22 -9.22 -22.94
CA LEU A 14 14.33 -10.02 -22.07
C LEU A 14 13.19 -10.59 -22.90
N ALA A 15 12.56 -9.77 -23.75
CA ALA A 15 11.41 -10.22 -24.58
C ALA A 15 11.86 -11.40 -25.45
N GLN A 16 13.04 -11.26 -26.04
CA GLN A 16 13.63 -12.29 -26.93
C GLN A 16 13.87 -13.57 -26.13
N ALA A 17 14.37 -13.46 -24.90
CA ALA A 17 14.68 -14.64 -24.07
C ALA A 17 13.38 -15.33 -23.64
N ILE A 18 12.35 -14.54 -23.32
CA ILE A 18 11.01 -15.08 -23.01
C ILE A 18 10.49 -15.88 -24.21
N ALA A 19 10.45 -15.29 -25.42
CA ALA A 19 9.96 -15.98 -26.64
C ALA A 19 10.73 -17.30 -26.85
N GLU A 20 12.06 -17.24 -26.76
CA GLU A 20 12.95 -18.40 -26.97
C GLU A 20 12.61 -19.49 -25.96
N ALA A 21 12.37 -19.14 -24.69
CA ALA A 21 12.03 -20.07 -23.60
C ALA A 21 10.65 -20.68 -23.91
N LEU A 22 9.78 -19.99 -24.66
CA LEU A 22 8.45 -20.56 -25.07
C LEU A 22 8.62 -21.41 -26.35
N GLY A 23 9.78 -21.41 -27.00
CA GLY A 23 10.01 -22.07 -28.29
C GLY A 23 9.35 -21.31 -29.43
N LEU A 24 9.22 -19.99 -29.29
CA LEU A 24 8.46 -19.13 -30.25
C LEU A 24 9.38 -18.04 -30.75
N PRO A 25 9.15 -17.50 -31.95
CA PRO A 25 9.93 -16.36 -32.40
C PRO A 25 9.39 -15.10 -31.69
N LEU A 26 10.21 -14.08 -31.54
CA LEU A 26 9.72 -12.75 -31.13
C LEU A 26 8.97 -12.12 -32.29
N GLY A 27 7.69 -11.82 -32.09
CA GLY A 27 6.87 -11.20 -33.13
C GLY A 27 7.53 -9.97 -33.72
N LYS A 28 7.28 -9.67 -35.00
CA LYS A 28 7.90 -8.54 -35.70
C LYS A 28 7.03 -7.30 -35.52
N SER A 29 7.57 -6.27 -34.88
CA SER A 29 6.88 -4.96 -34.82
C SER A 29 7.91 -3.85 -34.95
N THR A 30 7.54 -2.74 -35.58
CA THR A 30 8.48 -1.59 -35.67
C THR A 30 7.92 -0.42 -34.90
N THR A 31 8.85 0.25 -34.23
CA THR A 31 8.62 1.54 -33.58
C THR A 31 9.59 2.55 -34.20
N LEU A 32 9.05 3.62 -34.74
CA LEU A 32 9.78 4.76 -35.38
C LEU A 32 9.53 5.96 -34.46
N ARG A 33 10.48 6.90 -34.48
CA ARG A 33 10.31 8.23 -33.93
C ARG A 33 10.47 9.19 -35.12
N PHE A 34 9.45 9.96 -35.45
CA PHE A 34 9.53 10.99 -36.53
C PHE A 34 10.43 12.13 -36.03
N ALA A 35 10.81 13.04 -36.93
CA ALA A 35 11.71 14.16 -36.59
C ALA A 35 11.06 15.01 -35.49
N ASN A 36 9.72 15.06 -35.43
CA ASN A 36 8.95 15.86 -34.45
C ASN A 36 8.83 15.13 -33.09
N ASP A 37 9.53 14.00 -32.91
CA ASP A 37 9.61 13.21 -31.65
C ASP A 37 8.29 12.47 -31.39
N ASN A 38 7.39 12.43 -32.36
CA ASN A 38 6.17 11.60 -32.28
C ASN A 38 6.54 10.17 -32.58
N LEU A 39 5.82 9.25 -31.94
CA LEU A 39 6.04 7.80 -32.10
C LEU A 39 5.05 7.23 -33.13
N PHE A 40 5.46 6.09 -33.65
CA PHE A 40 4.71 5.29 -34.64
C PHE A 40 5.00 3.82 -34.37
N VAL A 41 3.96 3.00 -34.25
CA VAL A 41 4.13 1.54 -34.06
C VAL A 41 3.43 0.83 -35.23
N ARG A 42 3.90 -0.35 -35.59
CA ARG A 42 3.27 -1.15 -36.65
C ARG A 42 3.63 -2.64 -36.45
N TYR A 43 2.64 -3.51 -36.46
CA TYR A 43 2.85 -4.98 -36.47
C TYR A 43 2.99 -5.41 -37.93
N GLU A 44 4.09 -6.07 -38.23
CA GLU A 44 4.47 -6.39 -39.63
C GLU A 44 3.61 -7.52 -40.16
N GLU A 45 3.08 -8.37 -39.27
CA GLU A 45 2.23 -9.51 -39.69
C GLU A 45 0.95 -9.56 -38.87
N SER A 46 -0.02 -10.34 -39.35
CA SER A 46 -1.35 -10.46 -38.69
C SER A 46 -1.15 -10.99 -37.27
N LEU A 47 -1.88 -10.44 -36.29
CA LEU A 47 -2.00 -11.07 -34.95
C LEU A 47 -3.47 -11.31 -34.65
N ARG A 48 -4.31 -11.35 -35.70
CA ARG A 48 -5.77 -11.53 -35.60
C ARG A 48 -6.11 -12.77 -34.78
N GLU A 49 -6.99 -12.62 -33.79
CA GLU A 49 -7.47 -13.66 -32.85
C GLU A 49 -6.29 -14.27 -32.10
N GLY A 50 -5.21 -13.49 -31.97
CA GLY A 50 -4.02 -13.90 -31.21
C GLY A 50 -4.18 -13.64 -29.73
N ASP A 51 -3.47 -14.42 -28.92
CA ASP A 51 -3.26 -14.16 -27.47
C ASP A 51 -1.93 -13.43 -27.38
N VAL A 52 -2.01 -12.11 -27.33
CA VAL A 52 -0.84 -11.27 -27.58
C VAL A 52 -0.33 -10.72 -26.26
N PHE A 53 0.98 -10.82 -26.09
CA PHE A 53 1.74 -10.42 -24.89
C PHE A 53 2.78 -9.41 -25.34
N ILE A 54 2.75 -8.25 -24.72
CA ILE A 54 3.66 -7.15 -25.18
C ILE A 54 4.55 -6.84 -24.01
N VAL A 55 5.86 -6.98 -24.20
CA VAL A 55 6.84 -6.74 -23.10
C VAL A 55 7.35 -5.29 -23.14
N GLN A 56 7.26 -4.62 -22.01
CA GLN A 56 7.85 -3.26 -21.85
C GLN A 56 8.11 -2.99 -20.39
N SER A 57 9.36 -2.63 -20.03
CA SER A 57 9.73 -2.16 -18.67
C SER A 57 9.79 -0.63 -18.69
N PHE A 58 9.53 -0.02 -17.52
CA PHE A 58 9.51 1.45 -17.34
C PHE A 58 10.92 1.91 -16.99
N VAL A 59 11.80 1.88 -17.99
CA VAL A 59 13.22 2.32 -17.89
C VAL A 59 13.43 3.49 -18.83
N PRO A 60 14.50 4.30 -18.61
CA PRO A 60 14.69 5.50 -19.42
C PRO A 60 14.91 5.12 -20.88
N PRO A 61 14.34 5.85 -21.87
CA PRO A 61 13.38 6.97 -21.64
C PRO A 61 11.96 6.49 -21.27
N VAL A 62 11.53 6.78 -20.06
CA VAL A 62 10.33 6.15 -19.46
C VAL A 62 9.05 6.57 -20.21
N GLN A 63 8.89 7.82 -20.54
CA GLN A 63 7.60 8.27 -21.11
C GLN A 63 7.48 7.77 -22.55
N ASP A 64 8.59 7.69 -23.28
CA ASP A 64 8.56 7.09 -24.63
C ASP A 64 8.19 5.62 -24.48
N HIS A 65 8.68 4.93 -23.45
CA HIS A 65 8.38 3.48 -23.30
C HIS A 65 6.91 3.31 -22.87
N LEU A 66 6.40 4.17 -21.99
CA LEU A 66 4.96 4.15 -21.59
C LEU A 66 4.10 4.36 -22.86
N MET A 67 4.39 5.40 -23.64
CA MET A 67 3.55 5.71 -24.82
C MET A 67 3.67 4.56 -25.84
N GLU A 68 4.89 4.06 -26.10
CA GLU A 68 5.08 2.90 -27.02
C GLU A 68 4.18 1.75 -26.56
N LEU A 69 4.18 1.41 -25.27
CA LEU A 69 3.34 0.32 -24.73
C LEU A 69 1.85 0.64 -25.00
N LEU A 70 1.38 1.83 -24.61
CA LEU A 70 -0.04 2.23 -24.84
C LEU A 70 -0.39 2.06 -26.33
N MET A 71 0.47 2.57 -27.22
CA MET A 71 0.25 2.49 -28.69
C MET A 71 0.30 1.03 -29.20
N MET A 72 1.20 0.18 -28.68
CA MET A 72 1.24 -1.25 -29.11
C MET A 72 0.01 -2.02 -28.63
N VAL A 73 -0.48 -1.70 -27.43
CA VAL A 73 -1.73 -2.32 -26.90
C VAL A 73 -2.90 -1.87 -27.75
N ASP A 74 -2.99 -0.57 -27.98
CA ASP A 74 -4.03 0.03 -28.85
C ASP A 74 -4.07 -0.61 -30.25
N ALA A 75 -2.91 -0.66 -30.90
CA ALA A 75 -2.73 -1.15 -32.27
C ALA A 75 -3.07 -2.65 -32.30
N ALA A 76 -2.71 -3.40 -31.24
CA ALA A 76 -3.02 -4.85 -31.16
C ALA A 76 -4.53 -5.03 -31.11
N LYS A 77 -5.25 -4.25 -30.30
CA LYS A 77 -6.73 -4.38 -30.26
C LYS A 77 -7.29 -3.98 -31.62
N GLY A 78 -6.75 -2.91 -32.22
CA GLY A 78 -7.19 -2.36 -33.52
C GLY A 78 -6.95 -3.35 -34.66
N ALA A 79 -5.96 -4.24 -34.50
CA ALA A 79 -5.61 -5.29 -35.47
C ALA A 79 -6.29 -6.59 -35.07
N SER A 80 -7.28 -6.55 -34.16
CA SER A 80 -8.20 -7.69 -33.90
C SER A 80 -7.50 -8.85 -33.19
N ALA A 81 -6.55 -8.57 -32.32
CA ALA A 81 -6.10 -9.51 -31.28
C ALA A 81 -7.30 -10.03 -30.48
N ALA A 82 -7.28 -11.29 -30.04
CA ALA A 82 -8.34 -11.88 -29.18
C ALA A 82 -8.16 -11.32 -27.77
N ARG A 83 -6.90 -11.24 -27.33
CA ARG A 83 -6.59 -10.87 -25.95
C ARG A 83 -5.25 -10.14 -26.01
N VAL A 84 -5.13 -9.09 -25.20
CA VAL A 84 -3.86 -8.33 -25.09
C VAL A 84 -3.43 -8.24 -23.62
N THR A 85 -2.23 -8.76 -23.32
CA THR A 85 -1.62 -8.66 -21.99
C THR A 85 -0.44 -7.69 -22.06
N ALA A 86 -0.42 -6.73 -21.15
CA ALA A 86 0.74 -5.86 -20.91
C ALA A 86 1.68 -6.65 -20.00
N VAL A 87 2.80 -7.08 -20.54
CA VAL A 87 3.89 -7.68 -19.73
C VAL A 87 4.84 -6.55 -19.34
N ILE A 88 4.82 -6.18 -18.07
CA ILE A 88 5.53 -5.00 -17.55
C ILE A 88 6.43 -5.55 -16.46
N PRO A 89 7.65 -6.00 -16.82
CA PRO A 89 8.52 -6.63 -15.82
C PRO A 89 8.90 -5.66 -14.70
N TYR A 90 9.15 -4.39 -15.01
CA TYR A 90 9.40 -3.36 -14.00
C TYR A 90 8.43 -2.19 -14.18
N PHE A 91 7.56 -2.00 -13.21
CA PHE A 91 6.54 -0.94 -13.21
C PHE A 91 7.02 0.14 -12.24
N SER A 92 7.87 1.03 -12.76
CA SER A 92 8.57 2.07 -11.93
C SER A 92 7.53 2.90 -11.19
N TYR A 93 6.42 3.23 -11.86
CA TYR A 93 5.45 4.16 -11.27
C TYR A 93 4.67 3.51 -10.12
N ALA A 94 4.92 2.24 -9.79
CA ALA A 94 4.34 1.64 -8.57
C ALA A 94 4.82 2.46 -7.36
N ARG A 95 5.91 3.21 -7.46
CA ARG A 95 6.38 4.03 -6.31
C ARG A 95 5.43 5.20 -6.08
N SER A 96 4.69 5.59 -7.10
CA SER A 96 3.76 6.75 -7.05
C SER A 96 2.39 6.21 -6.66
N ASP A 97 2.29 5.74 -5.42
CA ASP A 97 1.18 4.84 -5.00
C ASP A 97 0.34 5.51 -3.91
N LYS A 98 0.63 6.74 -3.51
CA LYS A 98 -0.13 7.40 -2.43
C LYS A 98 -0.15 8.90 -2.67
N LYS A 99 -1.09 9.57 -2.00
CA LYS A 99 -1.13 11.04 -2.06
C LYS A 99 -0.35 11.57 -0.85
N ASP A 100 0.98 11.55 -0.88
CA ASP A 100 1.79 11.96 0.30
C ASP A 100 2.04 13.48 0.26
N ALA A 101 1.51 14.20 -0.72
CA ALA A 101 1.48 15.68 -0.74
C ALA A 101 0.16 16.11 -1.34
N PRO A 102 -0.37 17.30 -1.03
CA PRO A 102 -1.59 17.74 -1.66
C PRO A 102 -1.36 18.01 -3.15
N ARG A 103 -2.38 17.70 -3.95
CA ARG A 103 -2.53 18.13 -5.35
C ARG A 103 -1.48 17.48 -6.24
N ILE A 104 -1.20 16.20 -6.01
CA ILE A 104 -0.31 15.40 -6.90
C ILE A 104 -1.16 14.35 -7.61
N SER A 105 -0.59 13.68 -8.60
CA SER A 105 -1.15 12.50 -9.28
C SER A 105 -0.72 11.24 -8.53
N ILE A 106 -1.65 10.34 -8.29
CA ILE A 106 -1.31 8.95 -7.85
C ILE A 106 -1.03 8.20 -9.14
N THR A 107 0.16 8.46 -9.68
CA THR A 107 0.49 8.12 -11.08
C THR A 107 0.38 6.61 -11.36
N ALA A 108 0.57 5.71 -10.38
CA ALA A 108 0.39 4.26 -10.60
C ALA A 108 -1.06 3.97 -10.98
N ARG A 109 -2.01 4.69 -10.37
CA ARG A 109 -3.45 4.47 -10.70
C ARG A 109 -3.75 5.07 -12.06
N LEU A 110 -3.23 6.27 -12.31
CA LEU A 110 -3.49 6.92 -13.61
C LEU A 110 -3.00 5.99 -14.71
N ILE A 111 -1.81 5.43 -14.55
CA ILE A 111 -1.24 4.58 -15.63
C ILE A 111 -2.10 3.30 -15.77
N ALA A 112 -2.57 2.73 -14.66
CA ALA A 112 -3.48 1.57 -14.77
C ALA A 112 -4.66 1.93 -15.66
N ASP A 113 -5.30 3.06 -15.39
CA ASP A 113 -6.47 3.55 -16.18
C ASP A 113 -6.07 3.77 -17.64
N LEU A 114 -4.90 4.37 -17.89
CA LEU A 114 -4.47 4.60 -19.29
C LEU A 114 -4.27 3.23 -19.98
N LEU A 115 -3.65 2.26 -19.33
CA LEU A 115 -3.43 0.91 -19.96
C LEU A 115 -4.81 0.30 -20.27
N GLN A 116 -5.77 0.45 -19.37
CA GLN A 116 -7.11 -0.13 -19.60
C GLN A 116 -7.77 0.59 -20.78
N THR A 117 -7.63 1.91 -20.85
CA THR A 117 -8.22 2.69 -21.96
C THR A 117 -7.59 2.27 -23.28
N ALA A 118 -6.29 2.07 -23.29
CA ALA A 118 -5.54 1.67 -24.53
C ALA A 118 -6.03 0.30 -25.03
N GLY A 119 -6.57 -0.53 -24.13
CA GLY A 119 -7.19 -1.81 -24.46
C GLY A 119 -6.52 -3.02 -23.83
N ALA A 120 -5.67 -2.85 -22.80
CA ALA A 120 -5.05 -4.00 -22.09
C ALA A 120 -6.15 -4.84 -21.45
N ASP A 121 -6.05 -6.14 -21.56
CA ASP A 121 -7.03 -7.06 -20.93
C ASP A 121 -6.48 -7.57 -19.61
N ARG A 122 -5.16 -7.49 -19.43
CA ARG A 122 -4.46 -8.16 -18.33
C ARG A 122 -3.11 -7.53 -18.20
N VAL A 123 -2.49 -7.73 -17.04
CA VAL A 123 -1.10 -7.29 -16.78
C VAL A 123 -0.39 -8.50 -16.18
N LEU A 124 0.88 -8.63 -16.52
CA LEU A 124 1.85 -9.59 -15.94
C LEU A 124 3.04 -8.77 -15.48
N THR A 125 3.37 -8.83 -14.19
CA THR A 125 4.43 -7.95 -13.65
C THR A 125 5.18 -8.71 -12.55
N MET A 126 6.19 -8.08 -12.00
CA MET A 126 7.01 -8.73 -10.96
C MET A 126 7.38 -7.68 -9.92
N THR A 127 7.38 -8.08 -8.66
CA THR A 127 7.82 -7.22 -7.54
C THR A 127 7.30 -5.78 -7.70
N LEU A 128 5.99 -5.58 -7.55
CA LEU A 128 5.43 -4.21 -7.42
C LEU A 128 6.00 -3.55 -6.17
N HIS A 129 6.30 -2.26 -6.27
CA HIS A 129 6.89 -1.47 -5.15
C HIS A 129 6.03 -1.61 -3.89
N SER A 130 4.71 -1.58 -4.05
CA SER A 130 3.78 -1.86 -2.93
C SER A 130 2.71 -2.81 -3.44
N PRO A 131 2.25 -3.75 -2.58
CA PRO A 131 1.24 -4.71 -3.02
C PRO A 131 -0.14 -4.09 -3.25
N GLN A 132 -0.42 -2.92 -2.67
CA GLN A 132 -1.71 -2.22 -2.88
C GLN A 132 -1.84 -1.80 -4.35
N VAL A 133 -0.73 -1.69 -5.09
CA VAL A 133 -0.81 -1.26 -6.51
C VAL A 133 -1.64 -2.27 -7.34
N HIS A 134 -1.70 -3.53 -6.94
CA HIS A 134 -2.57 -4.53 -7.58
C HIS A 134 -4.01 -4.02 -7.68
N GLY A 135 -4.48 -3.35 -6.64
CA GLY A 135 -5.86 -2.83 -6.54
C GLY A 135 -6.09 -1.55 -7.32
N PHE A 136 -5.07 -1.03 -7.98
CA PHE A 136 -5.22 0.14 -8.90
C PHE A 136 -5.71 -0.36 -10.26
N PHE A 137 -5.63 -1.66 -10.55
CA PHE A 137 -6.07 -2.27 -11.81
C PHE A 137 -7.46 -2.87 -11.64
N LYS A 138 -8.33 -2.64 -12.62
CA LYS A 138 -9.62 -3.34 -12.71
C LYS A 138 -9.41 -4.66 -13.45
N ILE A 139 -8.55 -4.66 -14.46
CA ILE A 139 -8.19 -5.86 -15.25
C ILE A 139 -7.34 -6.78 -14.38
N PRO A 140 -7.40 -8.10 -14.63
CA PRO A 140 -6.59 -9.06 -13.87
C PRO A 140 -5.10 -8.70 -13.96
N VAL A 141 -4.40 -8.95 -12.84
CA VAL A 141 -2.94 -8.75 -12.73
C VAL A 141 -2.34 -10.05 -12.19
N ASP A 142 -1.40 -10.61 -12.91
CA ASP A 142 -0.58 -11.71 -12.34
C ASP A 142 0.72 -11.07 -11.86
N HIS A 143 0.93 -11.11 -10.55
CA HIS A 143 2.05 -10.46 -9.86
C HIS A 143 3.07 -11.56 -9.48
N LEU A 144 4.17 -11.67 -10.21
CA LEU A 144 5.22 -12.71 -9.94
C LEU A 144 6.10 -12.22 -8.79
N SER A 145 6.59 -13.17 -7.98
CA SER A 145 7.56 -12.93 -6.90
C SER A 145 8.98 -13.31 -7.38
N ALA A 146 9.96 -12.49 -7.02
CA ALA A 146 11.42 -12.77 -7.19
C ALA A 146 11.96 -13.52 -5.98
N GLU A 147 11.14 -13.79 -4.96
CA GLU A 147 11.64 -14.46 -3.73
C GLU A 147 12.44 -15.72 -4.07
N PRO A 148 11.92 -16.70 -4.85
CA PRO A 148 12.68 -17.94 -5.08
C PRO A 148 14.00 -17.68 -5.82
N VAL A 149 14.02 -16.74 -6.79
CA VAL A 149 15.24 -16.56 -7.62
C VAL A 149 16.30 -15.87 -6.76
N ILE A 150 15.89 -14.93 -5.90
CA ILE A 150 16.84 -14.15 -5.04
C ILE A 150 17.41 -15.08 -3.95
N ALA A 151 16.56 -15.88 -3.32
CA ALA A 151 17.02 -16.85 -2.30
C ALA A 151 17.98 -17.88 -2.94
N ASN A 152 17.68 -18.37 -4.14
CA ASN A 152 18.57 -19.32 -4.87
C ASN A 152 19.96 -18.68 -5.07
N TYR A 153 19.99 -17.43 -5.52
CA TYR A 153 21.23 -16.68 -5.75
C TYR A 153 22.08 -16.75 -4.48
N PHE A 154 21.52 -16.30 -3.36
CA PHE A 154 22.29 -16.24 -2.10
C PHE A 154 22.72 -17.68 -1.71
N ALA A 155 21.84 -18.66 -1.76
CA ALA A 155 22.15 -20.06 -1.42
C ALA A 155 23.35 -20.53 -2.26
N THR A 156 23.53 -20.02 -3.50
CA THR A 156 24.67 -20.48 -4.35
C THR A 156 25.92 -19.63 -4.18
N ARG A 157 25.88 -18.53 -3.42
CA ARG A 157 26.96 -17.52 -3.43
C ARG A 157 27.63 -17.34 -2.08
N VAL A 158 26.91 -17.56 -0.98
CA VAL A 158 27.38 -17.09 0.35
C VAL A 158 27.45 -18.29 1.30
N ASP A 159 28.26 -18.10 2.32
CA ASP A 159 28.46 -19.00 3.46
C ASP A 159 27.22 -18.95 4.36
N LEU A 160 26.26 -19.85 4.15
CA LEU A 160 25.00 -19.82 4.91
C LEU A 160 25.27 -20.10 6.40
N GLU A 161 26.36 -20.82 6.74
CA GLU A 161 26.67 -21.21 8.15
C GLU A 161 26.90 -19.95 8.99
N ASN A 162 27.24 -18.83 8.37
CA ASN A 162 27.72 -17.60 9.06
C ASN A 162 27.01 -16.35 8.49
N ALA A 163 25.79 -16.52 7.99
CA ALA A 163 25.03 -15.45 7.29
C ALA A 163 23.90 -14.93 8.18
N VAL A 164 23.52 -13.67 7.97
CA VAL A 164 22.32 -13.07 8.61
C VAL A 164 21.65 -12.15 7.59
N VAL A 165 20.33 -12.15 7.54
CA VAL A 165 19.57 -11.19 6.70
C VAL A 165 19.32 -9.92 7.52
N VAL A 166 19.63 -8.75 6.99
CA VAL A 166 19.50 -7.48 7.71
C VAL A 166 18.47 -6.61 6.98
N ALA A 167 17.47 -6.11 7.70
CA ALA A 167 16.64 -5.00 7.20
C ALA A 167 17.23 -3.68 7.70
N PRO A 168 17.57 -2.74 6.80
CA PRO A 168 18.02 -1.42 7.21
C PRO A 168 16.95 -0.32 7.31
N ASP A 169 15.68 -0.69 7.17
CA ASP A 169 14.51 0.23 7.20
C ASP A 169 13.30 -0.59 7.61
N ALA A 170 12.38 -0.02 8.40
CA ALA A 170 11.18 -0.74 8.87
C ALA A 170 10.46 -1.37 7.67
N GLY A 171 10.32 -0.63 6.55
CA GLY A 171 9.59 -1.07 5.35
C GLY A 171 10.20 -2.32 4.71
N ASP A 172 11.44 -2.68 5.06
CA ASP A 172 12.24 -3.76 4.41
C ASP A 172 12.11 -5.08 5.19
N LEU A 173 11.49 -5.04 6.38
CA LEU A 173 11.41 -6.19 7.30
C LEU A 173 10.62 -7.37 6.68
N LYS A 174 9.54 -7.10 5.97
CA LYS A 174 8.66 -8.18 5.45
C LYS A 174 9.41 -8.99 4.37
N ARG A 175 10.01 -8.29 3.41
CA ARG A 175 10.75 -8.93 2.29
C ARG A 175 12.02 -9.59 2.86
N ALA A 176 12.71 -8.94 3.79
CA ALA A 176 13.91 -9.51 4.44
C ALA A 176 13.53 -10.78 5.23
N SER A 177 12.42 -10.76 5.98
CA SER A 177 11.95 -11.92 6.77
C SER A 177 11.67 -13.14 5.89
N ALA A 178 11.05 -12.93 4.73
CA ALA A 178 10.75 -13.99 3.74
C ALA A 178 12.05 -14.64 3.29
N LEU A 179 13.06 -13.83 2.96
CA LEU A 179 14.39 -14.32 2.52
C LEU A 179 15.02 -15.12 3.66
N ALA A 180 14.96 -14.58 4.88
CA ALA A 180 15.55 -15.23 6.08
C ALA A 180 14.91 -16.61 6.24
N ARG A 181 13.60 -16.71 6.15
CA ARG A 181 12.89 -17.99 6.37
C ARG A 181 13.30 -18.98 5.26
N ARG A 182 13.45 -18.51 4.02
CA ARG A 182 13.82 -19.35 2.86
C ARG A 182 15.24 -19.92 3.00
N LEU A 183 16.17 -19.14 3.54
CA LEU A 183 17.60 -19.54 3.72
C LEU A 183 17.90 -20.10 5.11
N GLY A 184 16.92 -20.13 6.04
CA GLY A 184 17.09 -20.65 7.41
C GLY A 184 18.07 -19.80 8.19
N LEU A 185 17.98 -18.50 8.06
CA LEU A 185 18.94 -17.53 8.61
C LEU A 185 18.23 -16.70 9.68
N PRO A 186 19.00 -16.18 10.64
CA PRO A 186 18.49 -15.18 11.56
C PRO A 186 18.21 -13.88 10.80
N LEU A 187 17.33 -13.05 11.35
CA LEU A 187 16.94 -11.74 10.80
C LEU A 187 17.42 -10.67 11.77
N ALA A 188 18.13 -9.66 11.30
CA ALA A 188 18.59 -8.54 12.15
C ALA A 188 17.99 -7.26 11.59
N PHE A 189 18.00 -6.20 12.39
CA PHE A 189 17.57 -4.85 11.98
C PHE A 189 18.68 -3.87 12.33
N ILE A 190 19.01 -2.96 11.42
CA ILE A 190 20.01 -1.91 11.72
C ILE A 190 19.35 -0.55 11.52
N ASP A 191 19.09 0.13 12.65
CA ASP A 191 18.55 1.51 12.68
C ASP A 191 19.78 2.41 12.48
N LYS A 192 19.85 3.10 11.35
CA LYS A 192 20.95 4.04 11.01
C LYS A 192 20.37 5.40 10.58
N GLU A 193 21.23 6.42 10.54
CA GLU A 193 20.88 7.84 10.21
C GLU A 193 21.99 8.41 9.32
N ARG A 194 21.62 8.97 8.16
CA ARG A 194 22.58 9.81 7.38
C ARG A 194 22.63 11.17 8.09
N VAL A 195 23.75 11.48 8.75
CA VAL A 195 23.97 12.70 9.59
C VAL A 195 24.57 13.79 8.70
N SER A 196 25.77 13.55 8.17
CA SER A 196 26.59 14.54 7.42
C SER A 196 26.98 13.98 6.04
N ASP A 197 26.05 13.29 5.37
CA ASP A 197 26.08 12.96 3.91
C ASP A 197 27.49 12.59 3.42
N THR A 198 28.10 11.60 4.08
CA THR A 198 29.52 11.16 4.04
C THR A 198 29.76 10.28 5.28
N GLU A 199 29.02 10.54 6.35
CA GLU A 199 28.93 9.68 7.56
C GLU A 199 27.47 9.24 7.75
N VAL A 200 27.29 8.00 8.20
CA VAL A 200 25.99 7.43 8.66
C VAL A 200 26.25 6.86 10.06
N ARG A 201 25.32 7.08 10.98
CA ARG A 201 25.43 6.73 12.42
C ARG A 201 24.57 5.50 12.70
N VAL A 202 25.14 4.45 13.30
CA VAL A 202 24.38 3.28 13.81
C VAL A 202 23.73 3.67 15.14
N ARG A 203 22.41 3.89 15.15
CA ARG A 203 21.62 4.21 16.37
C ARG A 203 21.34 2.93 17.15
N MET A 204 20.79 1.90 16.50
CA MET A 204 20.40 0.65 17.17
C MET A 204 20.67 -0.54 16.26
N LEU A 205 21.07 -1.66 16.84
CA LEU A 205 21.13 -2.99 16.16
C LEU A 205 20.31 -3.98 16.99
N VAL A 206 19.39 -4.71 16.34
CA VAL A 206 18.76 -5.89 17.00
C VAL A 206 19.06 -7.12 16.14
N GLY A 207 19.46 -8.21 16.81
CA GLY A 207 20.18 -9.35 16.23
C GLY A 207 21.67 -9.10 16.22
N GLU A 208 22.44 -10.05 15.69
CA GLU A 208 23.92 -9.98 15.64
C GLU A 208 24.39 -9.95 14.18
N VAL A 209 25.33 -9.05 13.87
CA VAL A 209 26.02 -9.08 12.55
C VAL A 209 27.53 -9.19 12.70
N GLU A 210 28.09 -9.04 13.91
CA GLU A 210 29.56 -8.91 14.03
C GLU A 210 30.20 -10.19 13.49
N GLY A 211 31.12 -10.05 12.52
CA GLY A 211 31.86 -11.15 11.87
C GLY A 211 30.97 -12.03 10.98
N LYS A 212 29.76 -11.57 10.68
CA LYS A 212 28.79 -12.39 9.90
C LYS A 212 28.77 -11.86 8.46
N THR A 213 28.36 -12.73 7.55
CA THR A 213 28.05 -12.36 6.15
C THR A 213 26.63 -11.81 6.16
N ALA A 214 26.48 -10.51 6.06
CA ALA A 214 25.17 -9.84 6.07
C ALA A 214 24.60 -9.86 4.64
N LEU A 215 23.32 -10.23 4.52
CA LEU A 215 22.56 -10.22 3.26
C LEU A 215 21.52 -9.09 3.33
N ILE A 216 21.46 -8.21 2.34
CA ILE A 216 20.35 -7.21 2.26
C ILE A 216 19.56 -7.42 0.97
N VAL A 217 18.26 -7.17 1.02
CA VAL A 217 17.40 -7.40 -0.17
C VAL A 217 16.45 -6.22 -0.27
N ASP A 218 16.22 -5.76 -1.48
CA ASP A 218 15.23 -4.68 -1.71
C ASP A 218 14.36 -5.02 -2.92
N ASP A 219 13.27 -4.28 -3.12
CA ASP A 219 12.48 -4.45 -4.37
C ASP A 219 13.32 -3.93 -5.54
N GLU A 220 14.01 -2.81 -5.35
CA GLU A 220 14.73 -2.18 -6.46
C GLU A 220 15.97 -1.48 -5.93
N ILE A 221 16.94 -1.31 -6.83
CA ILE A 221 18.10 -0.41 -6.67
C ILE A 221 18.01 0.60 -7.80
N SER A 222 17.77 1.87 -7.45
CA SER A 222 17.76 3.00 -8.38
C SER A 222 19.11 3.71 -8.34
N THR A 223 19.30 4.62 -7.38
CA THR A 223 20.53 5.41 -7.19
C THR A 223 21.52 4.70 -6.26
N ALA A 224 21.13 3.59 -5.65
CA ALA A 224 21.92 2.81 -4.66
C ALA A 224 22.14 3.61 -3.38
N GLY A 225 21.39 4.70 -3.15
CA GLY A 225 21.45 5.50 -1.90
C GLY A 225 21.18 4.68 -0.65
N SER A 226 20.08 3.91 -0.62
CA SER A 226 19.75 3.04 0.55
C SER A 226 20.72 1.84 0.67
N LEU A 227 21.14 1.23 -0.43
CA LEU A 227 22.12 0.10 -0.41
C LEU A 227 23.42 0.55 0.27
N VAL A 228 23.98 1.66 -0.17
CA VAL A 228 25.25 2.28 0.33
C VAL A 228 25.17 2.53 1.84
N GLU A 229 24.08 3.16 2.31
CA GLU A 229 23.90 3.52 3.73
C GLU A 229 23.89 2.24 4.57
N ALA A 230 23.13 1.23 4.12
CA ALA A 230 23.00 -0.03 4.87
C ALA A 230 24.37 -0.70 4.96
N VAL A 231 25.09 -0.77 3.84
CA VAL A 231 26.42 -1.45 3.80
C VAL A 231 27.37 -0.72 4.74
N GLU A 232 27.40 0.61 4.67
CA GLU A 232 28.32 1.42 5.54
C GLU A 232 27.95 1.18 7.00
N ALA A 233 26.67 1.25 7.36
CA ALA A 233 26.17 0.98 8.72
C ALA A 233 26.63 -0.40 9.19
N LEU A 234 26.54 -1.40 8.31
CA LEU A 234 26.79 -2.82 8.65
C LEU A 234 28.28 -3.03 8.86
N MET A 235 29.13 -2.39 8.05
CA MET A 235 30.60 -2.49 8.26
C MET A 235 30.95 -1.71 9.55
N GLN A 236 30.28 -0.61 9.87
CA GLN A 236 30.52 0.12 11.15
C GLN A 236 30.09 -0.76 12.32
N ALA A 237 29.06 -1.61 12.18
CA ALA A 237 28.60 -2.55 13.23
C ALA A 237 29.44 -3.83 13.21
N GLY A 238 30.51 -3.87 12.40
CA GLY A 238 31.52 -4.95 12.41
C GLY A 238 31.09 -6.19 11.63
N ALA A 239 30.24 -6.06 10.61
CA ALA A 239 29.93 -7.17 9.69
C ALA A 239 31.22 -7.60 8.98
N LYS A 240 31.39 -8.89 8.73
CA LYS A 240 32.52 -9.34 7.88
C LYS A 240 32.40 -8.68 6.51
N GLU A 241 31.19 -8.69 5.94
CA GLU A 241 30.99 -8.39 4.51
C GLU A 241 29.48 -8.35 4.24
N VAL A 242 29.10 -7.75 3.10
CA VAL A 242 27.68 -7.48 2.73
C VAL A 242 27.47 -7.89 1.27
N TYR A 243 26.47 -8.73 1.03
CA TYR A 243 25.94 -9.09 -0.31
C TYR A 243 24.55 -8.48 -0.42
N ALA A 244 24.23 -7.84 -1.53
CA ALA A 244 22.94 -7.15 -1.72
C ALA A 244 22.25 -7.76 -2.92
N ALA A 245 20.92 -7.80 -2.90
CA ALA A 245 20.14 -8.22 -4.06
C ALA A 245 18.87 -7.40 -4.12
N ALA A 246 18.30 -7.29 -5.31
CA ALA A 246 17.01 -6.62 -5.54
C ALA A 246 16.36 -7.30 -6.73
N THR A 247 15.07 -7.09 -6.92
CA THR A 247 14.42 -7.51 -8.18
C THR A 247 14.87 -6.61 -9.33
N HIS A 248 14.67 -5.31 -9.18
CA HIS A 248 14.80 -4.33 -10.27
C HIS A 248 16.13 -3.60 -10.13
N GLY A 249 17.03 -3.85 -11.07
CA GLY A 249 18.35 -3.21 -11.16
C GLY A 249 18.23 -2.03 -12.07
N VAL A 250 17.72 -0.93 -11.51
CA VAL A 250 17.40 0.25 -12.32
C VAL A 250 18.72 1.04 -12.56
N TYR A 251 19.56 1.20 -11.55
CA TYR A 251 21.00 1.62 -11.69
C TYR A 251 21.08 2.94 -12.47
N VAL A 252 20.47 3.98 -11.91
CA VAL A 252 20.46 5.34 -12.52
C VAL A 252 21.36 6.27 -11.71
N GLY A 253 21.76 7.38 -12.33
CA GLY A 253 22.59 8.45 -11.74
C GLY A 253 23.88 7.87 -11.16
N PRO A 254 24.15 8.06 -9.85
CA PRO A 254 25.44 7.65 -9.27
C PRO A 254 25.51 6.16 -8.86
N ALA A 255 24.50 5.34 -9.18
CA ALA A 255 24.42 3.97 -8.63
C ALA A 255 25.74 3.19 -8.88
N LEU A 256 26.23 3.17 -10.11
CA LEU A 256 27.38 2.28 -10.49
C LEU A 256 28.64 2.74 -9.73
N ASP A 257 28.90 4.04 -9.73
CA ASP A 257 30.03 4.69 -8.99
C ASP A 257 29.93 4.37 -7.50
N ARG A 258 28.72 4.44 -6.94
CA ARG A 258 28.48 4.26 -5.49
C ARG A 258 28.75 2.81 -5.11
N ILE A 259 28.26 1.87 -5.90
CA ILE A 259 28.49 0.42 -5.72
C ILE A 259 29.98 0.10 -5.83
N ALA A 260 30.70 0.65 -6.81
CA ALA A 260 32.16 0.43 -6.97
C ALA A 260 32.90 0.93 -5.72
N LYS A 261 32.46 2.05 -5.14
CA LYS A 261 33.11 2.76 -4.00
C LYS A 261 32.79 2.02 -2.69
N SER A 262 31.57 1.50 -2.57
CA SER A 262 31.06 0.75 -1.39
C SER A 262 31.89 -0.51 -1.19
N PRO A 263 32.09 -0.95 0.07
CA PRO A 263 32.70 -2.26 0.32
C PRO A 263 31.78 -3.44 0.00
N VAL A 264 30.58 -3.19 -0.51
CA VAL A 264 29.64 -4.30 -0.83
C VAL A 264 30.34 -5.32 -1.73
N LYS A 265 30.24 -6.60 -1.44
CA LYS A 265 30.97 -7.63 -2.20
C LYS A 265 30.39 -7.75 -3.59
N GLU A 266 29.05 -7.77 -3.65
CA GLU A 266 28.38 -8.05 -4.92
C GLU A 266 26.96 -7.52 -4.83
N VAL A 267 26.42 -7.16 -5.97
CA VAL A 267 25.01 -6.66 -6.07
C VAL A 267 24.36 -7.42 -7.21
N ALA A 268 23.34 -8.17 -6.89
CA ALA A 268 22.59 -9.01 -7.86
C ALA A 268 21.21 -8.39 -8.04
N ALA A 269 20.71 -8.42 -9.28
CA ALA A 269 19.35 -7.97 -9.62
C ALA A 269 18.90 -8.81 -10.80
N THR A 270 17.59 -8.87 -11.04
CA THR A 270 17.08 -9.62 -12.21
C THR A 270 17.30 -8.76 -13.46
N ASP A 271 16.81 -9.26 -14.58
CA ASP A 271 16.90 -8.57 -15.88
C ASP A 271 15.52 -7.99 -16.21
N THR A 272 14.66 -7.71 -15.23
CA THR A 272 13.41 -6.95 -15.53
C THR A 272 13.77 -5.63 -16.24
N CYS A 273 14.91 -5.06 -15.85
CA CYS A 273 15.56 -3.90 -16.51
C CYS A 273 16.85 -4.40 -17.14
N PRO A 274 17.23 -3.87 -18.31
CA PRO A 274 18.44 -4.33 -18.99
C PRO A 274 19.64 -4.13 -18.06
N PRO A 275 20.43 -5.18 -17.76
CA PRO A 275 21.56 -5.02 -16.85
C PRO A 275 22.61 -4.03 -17.38
N LYS A 276 23.29 -3.38 -16.44
CA LYS A 276 24.42 -2.48 -16.73
C LYS A 276 25.70 -3.24 -16.35
N GLU A 277 26.76 -2.99 -17.11
CA GLU A 277 28.13 -3.55 -16.91
C GLU A 277 28.74 -2.99 -15.63
N GLY A 278 29.21 -3.85 -14.74
CA GLY A 278 29.94 -3.43 -13.52
C GLY A 278 30.66 -4.62 -12.89
N PRO A 279 31.90 -4.42 -12.35
CA PRO A 279 32.66 -5.52 -11.77
C PRO A 279 31.88 -6.30 -10.70
N LYS A 280 31.10 -5.65 -9.86
CA LYS A 280 30.47 -6.39 -8.73
C LYS A 280 28.98 -6.65 -9.04
N LEU A 281 28.53 -6.35 -10.25
CA LEU A 281 27.09 -6.54 -10.61
C LEU A 281 26.87 -7.96 -11.13
N ARG A 282 25.83 -8.66 -10.67
CA ARG A 282 25.43 -10.00 -11.14
C ARG A 282 23.96 -9.95 -11.62
N THR A 283 23.64 -10.72 -12.65
CA THR A 283 22.29 -10.79 -13.21
C THR A 283 21.62 -12.12 -12.88
N LEU A 284 20.36 -12.06 -12.43
CA LEU A 284 19.53 -13.24 -12.10
C LEU A 284 18.38 -13.23 -13.11
N THR A 285 18.46 -14.06 -14.15
CA THR A 285 17.49 -13.95 -15.25
C THR A 285 16.11 -14.41 -14.77
N VAL A 286 15.06 -13.66 -15.15
CA VAL A 286 13.67 -14.05 -14.87
C VAL A 286 12.97 -14.31 -16.19
N ALA A 287 13.68 -14.35 -17.30
CA ALA A 287 13.07 -14.74 -18.61
C ALA A 287 12.36 -16.10 -18.49
N PRO A 288 12.96 -17.15 -17.87
CA PRO A 288 12.28 -18.43 -17.78
C PRO A 288 10.99 -18.41 -16.94
N LEU A 289 10.99 -17.62 -15.87
CA LEU A 289 9.79 -17.50 -15.02
C LEU A 289 8.72 -16.72 -15.77
N PHE A 290 9.05 -15.62 -16.44
CA PHE A 290 8.00 -14.90 -17.21
C PHE A 290 7.46 -15.81 -18.33
N ALA A 291 8.34 -16.55 -19.00
CA ALA A 291 7.90 -17.48 -20.07
C ALA A 291 6.93 -18.53 -19.50
N GLU A 292 7.22 -19.11 -18.35
CA GLU A 292 6.35 -20.11 -17.71
C GLU A 292 5.00 -19.45 -17.37
N ALA A 293 5.02 -18.25 -16.77
CA ALA A 293 3.77 -17.53 -16.43
C ALA A 293 2.95 -17.30 -17.71
N ILE A 294 3.58 -16.82 -18.77
CA ILE A 294 2.86 -16.54 -20.04
C ILE A 294 2.28 -17.86 -20.54
N TRP A 295 3.06 -18.94 -20.54
CA TRP A 295 2.57 -20.27 -20.99
C TRP A 295 1.30 -20.62 -20.21
N ARG A 296 1.31 -20.40 -18.91
CA ARG A 296 0.20 -20.80 -18.02
C ARG A 296 -0.98 -19.84 -18.20
N ILE A 297 -0.75 -18.54 -18.38
CA ILE A 297 -1.86 -17.60 -18.68
C ILE A 297 -2.57 -18.07 -19.96
N HIS A 298 -1.81 -18.30 -21.02
CA HIS A 298 -2.26 -18.79 -22.35
C HIS A 298 -3.06 -20.10 -22.24
N ARG A 299 -2.62 -21.05 -21.43
CA ARG A 299 -3.24 -22.40 -21.38
C ARG A 299 -4.26 -22.49 -20.24
N GLY A 300 -4.39 -21.47 -19.38
CA GLY A 300 -5.30 -21.49 -18.21
C GLY A 300 -4.83 -22.40 -17.09
N GLU A 301 -3.51 -22.52 -16.92
CA GLU A 301 -2.87 -23.31 -15.84
C GLU A 301 -2.51 -22.38 -14.69
N SER A 302 -2.10 -22.93 -13.57
CA SER A 302 -1.94 -22.16 -12.32
C SER A 302 -0.64 -21.33 -12.34
N VAL A 303 -0.76 -20.02 -12.48
CA VAL A 303 0.38 -19.07 -12.27
C VAL A 303 0.74 -19.07 -10.77
N SER A 304 -0.22 -19.12 -9.85
CA SER A 304 0.05 -19.09 -8.37
C SER A 304 1.02 -20.22 -7.97
N SER A 305 0.97 -21.38 -8.65
CA SER A 305 1.83 -22.55 -8.33
C SER A 305 3.31 -22.23 -8.57
N LEU A 306 3.61 -21.18 -9.34
CA LEU A 306 5.02 -20.79 -9.65
C LEU A 306 5.66 -20.20 -8.40
N PHE A 307 4.87 -19.83 -7.40
CA PHE A 307 5.42 -19.32 -6.11
C PHE A 307 5.71 -20.55 -5.25
N THR A 308 6.96 -21.00 -5.34
CA THR A 308 7.44 -22.16 -4.58
C THR A 308 7.76 -21.61 -3.18
N LEU A 309 7.72 -23.05 -2.13
CA LEU A 309 7.90 -22.68 -0.73
C LEU A 309 9.14 -23.42 -0.22
N GLU A 310 10.18 -23.46 -1.04
CA GLU A 310 11.37 -24.31 -0.78
C GLU A 310 12.25 -23.58 0.24
N HIS A 311 12.86 -24.37 1.11
CA HIS A 311 13.76 -23.86 2.18
C HIS A 311 15.14 -24.49 1.89
N HIS A 312 16.20 -23.67 1.97
CA HIS A 312 17.63 -24.07 1.81
C HIS A 312 18.22 -24.30 3.22
N ARG B 1 -26.56 26.15 -4.64
CA ARG B 1 -26.70 24.73 -4.28
C ARG B 1 -26.69 24.66 -2.75
N PRO B 2 -27.85 24.43 -2.09
CA PRO B 2 -27.89 24.37 -0.63
C PRO B 2 -27.09 23.20 -0.03
N LEU B 3 -26.43 23.42 1.09
CA LEU B 3 -25.69 22.38 1.84
C LEU B 3 -26.71 21.51 2.58
N LEU B 4 -26.73 20.20 2.33
CA LEU B 4 -27.68 19.23 2.94
C LEU B 4 -26.89 18.07 3.52
N ILE B 5 -27.19 17.73 4.76
CA ILE B 5 -26.50 16.63 5.49
C ILE B 5 -27.53 15.58 5.84
N PHE B 6 -27.16 14.30 5.63
CA PHE B 6 -28.02 13.16 5.95
C PHE B 6 -27.20 12.08 6.62
N SER B 7 -27.89 11.20 7.32
CA SER B 7 -27.22 10.10 8.07
C SER B 7 -27.86 8.77 7.70
N GLY B 8 -27.03 7.74 7.59
CA GLY B 8 -27.47 6.35 7.69
C GLY B 8 -27.69 5.98 9.15
N GLN B 9 -27.90 4.69 9.41
N GLN B 9 -27.88 4.68 9.41
CA GLN B 9 -28.16 4.18 10.78
CA GLN B 9 -28.15 4.18 10.79
C GLN B 9 -26.85 3.93 11.56
C GLN B 9 -26.83 3.94 11.57
N SER B 10 -25.67 4.00 10.92
CA SER B 10 -24.37 3.61 11.55
C SER B 10 -23.99 4.57 12.69
N ASN B 11 -24.14 5.88 12.50
CA ASN B 11 -23.54 6.87 13.43
C ASN B 11 -24.33 8.17 13.36
N ARG B 12 -25.61 8.10 13.65
CA ARG B 12 -26.52 9.27 13.63
C ARG B 12 -26.02 10.32 14.64
N PRO B 13 -25.50 9.93 15.83
CA PRO B 13 -24.94 10.90 16.78
C PRO B 13 -23.82 11.76 16.17
N LEU B 14 -22.91 11.14 15.41
CA LEU B 14 -21.82 11.94 14.79
C LEU B 14 -22.41 12.84 13.70
N ALA B 15 -23.33 12.32 12.88
CA ALA B 15 -23.95 13.14 11.82
C ALA B 15 -24.63 14.37 12.43
N GLN B 16 -25.34 14.15 13.53
CA GLN B 16 -26.11 15.20 14.27
C GLN B 16 -25.12 16.25 14.79
N ALA B 17 -23.99 15.82 15.35
CA ALA B 17 -22.92 16.71 15.86
C ALA B 17 -22.29 17.49 14.70
N ILE B 18 -22.14 16.85 13.53
CA ILE B 18 -21.64 17.54 12.32
C ILE B 18 -22.67 18.62 11.90
N ALA B 19 -23.95 18.27 11.80
CA ALA B 19 -25.00 19.21 11.36
C ALA B 19 -25.03 20.44 12.29
N GLU B 20 -25.05 20.19 13.61
CA GLU B 20 -25.07 21.22 14.68
C GLU B 20 -23.86 22.15 14.53
N ALA B 21 -22.66 21.62 14.25
CA ALA B 21 -21.41 22.39 14.05
C ALA B 21 -21.53 23.30 12.82
N LEU B 22 -22.30 22.90 11.80
CA LEU B 22 -22.56 23.67 10.56
C LEU B 22 -23.72 24.66 10.75
N GLY B 23 -24.42 24.61 11.89
CA GLY B 23 -25.64 25.39 12.10
C GLY B 23 -26.79 24.97 11.20
N LEU B 24 -26.88 23.69 10.86
CA LEU B 24 -27.92 23.16 9.95
C LEU B 24 -28.67 22.05 10.65
N PRO B 25 -29.92 21.76 10.24
CA PRO B 25 -30.60 20.56 10.71
C PRO B 25 -30.02 19.30 10.03
N LEU B 26 -30.11 18.16 10.70
CA LEU B 26 -29.87 16.87 10.03
C LEU B 26 -31.06 16.56 9.13
N GLY B 27 -30.85 16.40 7.83
CA GLY B 27 -31.94 16.12 6.90
C GLY B 27 -32.69 14.85 7.25
N LYS B 28 -33.96 14.81 6.90
CA LYS B 28 -34.88 13.71 7.25
C LYS B 28 -34.81 12.66 6.16
N SER B 29 -34.51 11.44 6.54
CA SER B 29 -34.55 10.28 5.63
C SER B 29 -34.96 9.05 6.43
N THR B 30 -35.74 8.20 5.81
CA THR B 30 -36.24 6.93 6.39
C THR B 30 -35.40 5.80 5.82
N THR B 31 -34.98 4.88 6.69
CA THR B 31 -34.48 3.53 6.29
C THR B 31 -35.30 2.50 7.06
N LEU B 32 -35.83 1.54 6.34
CA LEU B 32 -36.56 0.45 6.99
C LEU B 32 -36.17 -0.85 6.34
N ARG B 33 -36.41 -1.92 7.06
CA ARG B 33 -36.25 -3.30 6.58
C ARG B 33 -37.62 -3.88 6.34
N PHE B 34 -37.87 -4.38 5.16
CA PHE B 34 -39.08 -5.19 4.90
C PHE B 34 -38.98 -6.53 5.67
N ALA B 35 -40.10 -7.22 5.81
CA ALA B 35 -40.17 -8.55 6.49
C ALA B 35 -39.11 -9.49 5.94
N ASN B 36 -38.78 -9.38 4.66
CA ASN B 36 -37.83 -10.29 3.94
C ASN B 36 -36.40 -9.77 4.02
N ASP B 37 -36.14 -8.83 4.95
CA ASP B 37 -34.79 -8.28 5.26
C ASP B 37 -34.26 -7.44 4.09
N ASN B 38 -35.10 -7.08 3.13
CA ASN B 38 -34.73 -6.12 2.06
C ASN B 38 -34.82 -4.69 2.63
N LEU B 39 -33.86 -3.85 2.27
CA LEU B 39 -33.78 -2.45 2.74
C LEU B 39 -34.63 -1.55 1.83
N PHE B 40 -35.01 -0.42 2.38
CA PHE B 40 -35.76 0.65 1.71
C PHE B 40 -35.28 1.99 2.27
N VAL B 41 -34.93 2.93 1.40
CA VAL B 41 -34.54 4.29 1.85
C VAL B 41 -35.46 5.31 1.18
N ARG B 42 -35.70 6.42 1.86
CA ARG B 42 -36.52 7.51 1.26
C ARG B 42 -36.10 8.82 1.89
N TYR B 43 -35.83 9.82 1.07
CA TYR B 43 -35.65 11.23 1.50
C TYR B 43 -37.04 11.84 1.63
N GLU B 44 -37.28 12.46 2.76
CA GLU B 44 -38.64 12.93 3.13
C GLU B 44 -38.91 14.28 2.47
N GLU B 45 -37.87 15.06 2.17
CA GLU B 45 -38.00 16.38 1.51
C GLU B 45 -37.12 16.41 0.28
N SER B 46 -37.36 17.37 -0.61
CA SER B 46 -36.56 17.63 -1.83
C SER B 46 -35.09 17.87 -1.46
N LEU B 47 -34.17 17.29 -2.22
CA LEU B 47 -32.74 17.68 -2.11
C LEU B 47 -32.25 18.12 -3.49
N ARG B 48 -33.19 18.47 -4.36
CA ARG B 48 -32.96 18.84 -5.77
C ARG B 48 -31.93 19.96 -5.80
N GLU B 49 -30.89 19.83 -6.63
CA GLU B 49 -29.80 20.82 -6.84
C GLU B 49 -29.07 21.03 -5.50
N GLY B 50 -29.19 20.07 -4.58
CA GLY B 50 -28.49 20.08 -3.29
C GLY B 50 -27.05 19.66 -3.41
N ASP B 51 -26.21 20.22 -2.55
CA ASP B 51 -24.86 19.70 -2.24
C ASP B 51 -25.02 18.73 -1.08
N VAL B 52 -25.16 17.44 -1.38
CA VAL B 52 -25.68 16.40 -0.45
C VAL B 52 -24.50 15.65 0.16
N PHE B 53 -24.45 15.59 1.48
CA PHE B 53 -23.44 14.84 2.23
C PHE B 53 -24.12 13.74 3.03
N ILE B 54 -23.74 12.48 2.80
CA ILE B 54 -24.36 11.29 3.47
C ILE B 54 -23.34 10.68 4.39
N VAL B 55 -23.64 10.64 5.68
CA VAL B 55 -22.69 10.13 6.71
C VAL B 55 -22.99 8.65 6.99
N GLN B 56 -22.01 7.81 6.80
CA GLN B 56 -22.09 6.36 7.16
C GLN B 56 -20.71 5.80 7.45
N SER B 57 -20.55 5.23 8.64
CA SER B 57 -19.36 4.44 8.97
C SER B 57 -19.63 2.94 8.73
N PHE B 58 -18.56 2.21 8.48
CA PHE B 58 -18.62 0.74 8.27
C PHE B 58 -18.51 0.02 9.63
N VAL B 59 -19.58 0.09 10.43
CA VAL B 59 -19.70 -0.63 11.75
C VAL B 59 -20.83 -1.65 11.70
N PRO B 60 -20.80 -2.70 12.54
CA PRO B 60 -21.84 -3.73 12.51
C PRO B 60 -23.24 -3.15 12.68
N PRO B 61 -24.28 -3.57 11.92
CA PRO B 61 -24.16 -4.53 10.80
C PRO B 61 -23.57 -3.90 9.52
N VAL B 62 -22.42 -4.35 9.11
CA VAL B 62 -21.61 -3.60 8.11
C VAL B 62 -22.26 -3.71 6.72
N GLN B 63 -22.75 -4.87 6.35
CA GLN B 63 -23.29 -5.02 4.97
C GLN B 63 -24.61 -4.25 4.85
N ASP B 64 -25.44 -4.26 5.89
CA ASP B 64 -26.64 -3.40 5.91
C ASP B 64 -26.22 -1.94 5.79
N HIS B 65 -25.18 -1.51 6.50
CA HIS B 65 -24.78 -0.09 6.40
C HIS B 65 -24.18 0.24 5.03
N LEU B 66 -23.36 -0.66 4.48
CA LEU B 66 -22.85 -0.48 3.09
C LEU B 66 -24.03 -0.31 2.15
N MET B 67 -24.95 -1.27 2.15
CA MET B 67 -26.13 -1.20 1.24
C MET B 67 -26.96 0.07 1.51
N GLU B 68 -27.21 0.44 2.76
CA GLU B 68 -27.95 1.69 3.04
C GLU B 68 -27.21 2.91 2.45
N LEU B 69 -25.90 2.98 2.57
CA LEU B 69 -25.12 4.06 1.93
C LEU B 69 -25.28 4.03 0.40
N LEU B 70 -25.07 2.86 -0.24
CA LEU B 70 -25.19 2.74 -1.73
C LEU B 70 -26.60 3.23 -2.12
N MET B 71 -27.61 2.83 -1.36
CA MET B 71 -29.02 3.14 -1.73
C MET B 71 -29.32 4.63 -1.49
N MET B 72 -28.77 5.21 -0.42
CA MET B 72 -28.91 6.66 -0.16
C MET B 72 -28.20 7.50 -1.24
N VAL B 73 -27.01 7.08 -1.68
CA VAL B 73 -26.27 7.77 -2.78
C VAL B 73 -27.11 7.72 -4.06
N ASP B 74 -27.56 6.53 -4.40
CA ASP B 74 -28.34 6.24 -5.64
C ASP B 74 -29.63 7.08 -5.63
N ALA B 75 -30.35 7.08 -4.50
CA ALA B 75 -31.64 7.76 -4.39
C ALA B 75 -31.40 9.27 -4.41
N ALA B 76 -30.27 9.75 -3.86
CA ALA B 76 -29.96 11.19 -3.90
C ALA B 76 -29.74 11.63 -5.34
N LYS B 77 -28.97 10.87 -6.11
CA LYS B 77 -28.78 11.19 -7.55
C LYS B 77 -30.12 11.08 -8.30
N GLY B 78 -30.91 10.04 -8.03
CA GLY B 78 -32.23 9.86 -8.64
C GLY B 78 -33.23 10.97 -8.25
N ALA B 79 -33.00 11.69 -7.17
CA ALA B 79 -33.83 12.80 -6.67
C ALA B 79 -33.15 14.12 -7.04
N SER B 80 -32.16 14.07 -7.94
CA SER B 80 -31.63 15.24 -8.68
C SER B 80 -30.81 16.10 -7.75
N ALA B 81 -30.05 15.48 -6.85
CA ALA B 81 -28.97 16.17 -6.12
C ALA B 81 -27.99 16.77 -7.12
N ALA B 82 -27.40 17.92 -6.80
CA ALA B 82 -26.42 18.52 -7.73
C ALA B 82 -25.10 17.77 -7.54
N ARG B 83 -24.79 17.39 -6.30
CA ARG B 83 -23.51 16.72 -5.98
C ARG B 83 -23.76 15.82 -4.79
N VAL B 84 -23.14 14.65 -4.77
CA VAL B 84 -23.34 13.68 -3.65
C VAL B 84 -21.97 13.27 -3.14
N THR B 85 -21.71 13.53 -1.87
CA THR B 85 -20.48 13.11 -1.16
C THR B 85 -20.85 12.00 -0.20
N ALA B 86 -20.13 10.88 -0.27
CA ALA B 86 -20.17 9.78 0.73
C ALA B 86 -19.17 10.17 1.82
N VAL B 87 -19.69 10.60 2.95
CA VAL B 87 -18.88 10.91 4.16
C VAL B 87 -18.78 9.60 4.91
N ILE B 88 -17.61 8.99 4.89
CA ILE B 88 -17.38 7.62 5.43
C ILE B 88 -16.33 7.78 6.52
N PRO B 89 -16.73 8.13 7.76
CA PRO B 89 -15.75 8.46 8.79
C PRO B 89 -14.80 7.30 9.04
N TYR B 90 -15.35 6.08 9.01
CA TYR B 90 -14.58 4.83 9.14
C TYR B 90 -14.90 3.89 7.97
N PHE B 91 -13.90 3.65 7.13
CA PHE B 91 -13.97 2.70 5.98
C PHE B 91 -13.27 1.38 6.35
N SER B 92 -14.00 0.44 6.93
CA SER B 92 -13.42 -0.80 7.52
C SER B 92 -12.63 -1.59 6.46
N TYR B 93 -13.19 -1.65 5.26
CA TYR B 93 -12.69 -2.49 4.15
C TYR B 93 -11.41 -1.92 3.56
N ALA B 94 -10.94 -0.74 3.99
CA ALA B 94 -9.55 -0.29 3.71
C ALA B 94 -8.53 -1.34 4.16
N ARG B 95 -8.88 -2.19 5.12
CA ARG B 95 -7.95 -3.28 5.49
C ARG B 95 -7.86 -4.32 4.37
N SER B 96 -8.85 -4.41 3.46
CA SER B 96 -8.80 -5.38 2.34
C SER B 96 -8.16 -4.68 1.13
N ASP B 97 -6.85 -4.40 1.23
CA ASP B 97 -6.16 -3.43 0.35
C ASP B 97 -5.15 -4.15 -0.55
N LYS B 98 -5.01 -5.46 -0.41
CA LYS B 98 -3.96 -6.19 -1.16
C LYS B 98 -4.38 -7.61 -1.45
N LYS B 99 -3.69 -8.22 -2.37
CA LYS B 99 -3.99 -9.62 -2.72
C LYS B 99 -2.94 -10.45 -2.01
N ASP B 100 -3.12 -10.67 -0.71
CA ASP B 100 -2.10 -11.36 0.13
C ASP B 100 -2.35 -12.85 0.09
N ALA B 101 -3.42 -13.30 -0.57
CA ALA B 101 -3.59 -14.72 -0.95
C ALA B 101 -4.25 -14.74 -2.33
N PRO B 102 -4.03 -15.82 -3.10
CA PRO B 102 -4.64 -15.93 -4.42
C PRO B 102 -6.15 -16.01 -4.31
N ARG B 103 -6.85 -15.45 -5.27
CA ARG B 103 -8.27 -15.69 -5.58
C ARG B 103 -9.14 -15.09 -4.48
N ILE B 104 -8.74 -13.92 -3.98
CA ILE B 104 -9.56 -13.10 -3.03
C ILE B 104 -10.05 -11.83 -3.73
N SER B 105 -10.97 -11.11 -3.08
CA SER B 105 -11.37 -9.76 -3.49
C SER B 105 -10.42 -8.75 -2.86
N ILE B 106 -9.94 -7.79 -3.63
CA ILE B 106 -9.39 -6.55 -3.03
C ILE B 106 -10.59 -5.66 -2.74
N THR B 107 -11.25 -5.91 -1.62
CA THR B 107 -12.63 -5.43 -1.35
C THR B 107 -12.68 -3.90 -1.20
N ALA B 108 -11.59 -3.25 -0.76
CA ALA B 108 -11.54 -1.78 -0.71
C ALA B 108 -11.77 -1.25 -2.12
N ARG B 109 -11.15 -1.85 -3.13
CA ARG B 109 -11.26 -1.37 -4.53
C ARG B 109 -12.66 -1.69 -5.04
N LEU B 110 -13.17 -2.87 -4.75
CA LEU B 110 -14.54 -3.25 -5.19
C LEU B 110 -15.52 -2.19 -4.67
N ILE B 111 -15.44 -1.90 -3.38
CA ILE B 111 -16.41 -0.95 -2.76
C ILE B 111 -16.21 0.45 -3.37
N ALA B 112 -14.99 0.88 -3.66
CA ALA B 112 -14.80 2.18 -4.35
C ALA B 112 -15.61 2.18 -5.65
N ASP B 113 -15.50 1.10 -6.43
CA ASP B 113 -16.24 0.98 -7.71
C ASP B 113 -17.76 0.95 -7.43
N LEU B 114 -18.24 0.23 -6.42
CA LEU B 114 -19.69 0.18 -6.11
C LEU B 114 -20.19 1.57 -5.74
N LEU B 115 -19.43 2.32 -4.92
CA LEU B 115 -19.78 3.70 -4.54
C LEU B 115 -19.84 4.59 -5.76
N GLN B 116 -18.94 4.40 -6.73
CA GLN B 116 -18.96 5.20 -7.96
C GLN B 116 -20.18 4.80 -8.78
N THR B 117 -20.46 3.53 -8.92
CA THR B 117 -21.60 3.05 -9.70
C THR B 117 -22.90 3.57 -9.07
N ALA B 118 -23.00 3.53 -7.74
CA ALA B 118 -24.20 4.04 -7.05
C ALA B 118 -24.40 5.54 -7.31
N GLY B 119 -23.34 6.30 -7.56
CA GLY B 119 -23.44 7.69 -8.02
C GLY B 119 -22.68 8.68 -7.15
N ALA B 120 -21.81 8.22 -6.27
CA ALA B 120 -21.01 9.10 -5.41
C ALA B 120 -20.10 9.96 -6.28
N ASP B 121 -20.06 11.27 -6.02
CA ASP B 121 -19.20 12.20 -6.78
C ASP B 121 -17.89 12.41 -6.04
N ARG B 122 -17.91 12.16 -4.74
CA ARG B 122 -16.70 12.34 -3.90
C ARG B 122 -16.83 11.54 -2.61
N VAL B 123 -15.72 11.39 -1.93
CA VAL B 123 -15.66 10.76 -0.61
C VAL B 123 -14.96 11.73 0.35
N LEU B 124 -15.46 11.79 1.57
CA LEU B 124 -14.77 12.40 2.72
C LEU B 124 -14.57 11.30 3.76
N THR B 125 -13.34 11.09 4.23
CA THR B 125 -12.98 9.95 5.11
C THR B 125 -11.84 10.38 6.02
N MET B 126 -11.49 9.53 6.98
CA MET B 126 -10.47 9.85 7.98
C MET B 126 -9.67 8.56 8.24
N THR B 127 -8.37 8.71 8.30
CA THR B 127 -7.42 7.65 8.65
C THR B 127 -7.80 6.35 7.93
N LEU B 128 -7.58 6.32 6.61
CA LEU B 128 -7.58 5.04 5.85
C LEU B 128 -6.52 4.10 6.40
N HIS B 129 -6.82 2.81 6.46
CA HIS B 129 -5.92 1.75 6.94
C HIS B 129 -4.56 1.85 6.23
N SER B 130 -4.56 2.12 4.92
CA SER B 130 -3.29 2.34 4.18
C SER B 130 -3.49 3.52 3.23
N PRO B 131 -2.47 4.35 3.01
CA PRO B 131 -2.66 5.54 2.19
C PRO B 131 -2.95 5.21 0.71
N GLN B 132 -2.55 4.02 0.27
CA GLN B 132 -2.73 3.58 -1.12
C GLN B 132 -4.21 3.45 -1.44
N VAL B 133 -5.07 3.23 -0.43
CA VAL B 133 -6.52 3.04 -0.66
C VAL B 133 -7.09 4.30 -1.35
N HIS B 134 -6.49 5.48 -1.15
CA HIS B 134 -6.86 6.73 -1.88
C HIS B 134 -6.87 6.49 -3.42
N GLY B 135 -5.89 5.76 -3.91
CA GLY B 135 -5.74 5.34 -5.32
C GLY B 135 -6.77 4.32 -5.78
N PHE B 136 -7.62 3.80 -4.89
CA PHE B 136 -8.68 2.85 -5.31
C PHE B 136 -9.89 3.60 -5.84
N PHE B 137 -9.94 4.88 -5.55
CA PHE B 137 -11.00 5.81 -6.00
C PHE B 137 -10.56 6.60 -7.23
N LYS B 138 -11.45 6.64 -8.22
CA LYS B 138 -11.37 7.57 -9.36
C LYS B 138 -11.95 8.91 -8.91
N ILE B 139 -13.04 8.92 -8.17
CA ILE B 139 -13.64 10.21 -7.73
C ILE B 139 -12.73 10.82 -6.66
N PRO B 140 -12.76 12.16 -6.47
CA PRO B 140 -11.90 12.79 -5.48
C PRO B 140 -12.21 12.29 -4.06
N VAL B 141 -11.15 12.13 -3.27
CA VAL B 141 -11.26 11.78 -1.84
C VAL B 141 -10.53 12.87 -1.04
N ASP B 142 -11.21 13.46 -0.06
CA ASP B 142 -10.57 14.27 0.99
C ASP B 142 -10.35 13.31 2.16
N HIS B 143 -9.09 13.13 2.47
CA HIS B 143 -8.61 12.11 3.45
C HIS B 143 -8.16 12.87 4.68
N LEU B 144 -9.01 12.95 5.71
CA LEU B 144 -8.69 13.73 6.93
C LEU B 144 -7.73 12.94 7.82
N SER B 145 -6.92 13.69 8.56
CA SER B 145 -5.95 13.18 9.53
C SER B 145 -6.53 13.37 10.93
N ALA B 146 -6.31 12.37 11.78
CA ALA B 146 -6.62 12.40 13.23
C ALA B 146 -5.44 12.98 14.03
N GLU B 147 -4.30 13.24 13.40
CA GLU B 147 -3.01 13.53 14.11
C GLU B 147 -3.20 14.69 15.09
N PRO B 148 -3.92 15.77 14.71
CA PRO B 148 -4.09 16.91 15.62
C PRO B 148 -4.81 16.53 16.93
N VAL B 149 -5.88 15.75 16.85
CA VAL B 149 -6.68 15.41 18.05
C VAL B 149 -5.90 14.38 18.87
N ILE B 150 -5.15 13.50 18.21
CA ILE B 150 -4.35 12.47 18.95
C ILE B 150 -3.16 13.18 19.61
N ALA B 151 -2.42 14.01 18.89
CA ALA B 151 -1.28 14.81 19.45
C ALA B 151 -1.74 15.55 20.71
N ASN B 152 -2.80 16.34 20.57
CA ASN B 152 -3.38 17.11 21.69
C ASN B 152 -3.74 16.18 22.87
N TYR B 153 -4.32 15.01 22.63
CA TYR B 153 -4.68 14.05 23.71
C TYR B 153 -3.43 13.65 24.50
N PHE B 154 -2.36 13.21 23.82
CA PHE B 154 -1.14 12.73 24.54
C PHE B 154 -0.45 13.91 25.25
N ALA B 155 -0.41 15.09 24.62
CA ALA B 155 0.33 16.27 25.11
C ALA B 155 -0.19 16.67 26.51
N THR B 156 -1.46 16.46 26.77
CA THR B 156 -2.13 17.02 27.98
C THR B 156 -2.49 15.90 28.95
N ARG B 157 -2.45 14.63 28.53
CA ARG B 157 -3.02 13.53 29.35
C ARG B 157 -1.90 12.67 29.92
N VAL B 158 -0.70 12.70 29.35
CA VAL B 158 0.38 11.76 29.82
C VAL B 158 1.63 12.58 30.08
N ASP B 159 2.48 12.09 30.97
CA ASP B 159 3.85 12.62 31.22
C ASP B 159 4.70 12.31 29.99
N LEU B 160 5.27 13.34 29.38
CA LEU B 160 6.02 13.29 28.10
C LEU B 160 7.52 13.11 28.36
N GLU B 161 8.00 13.48 29.55
CA GLU B 161 9.45 13.62 29.86
C GLU B 161 10.21 12.33 29.55
N ASN B 162 9.62 11.17 29.77
CA ASN B 162 10.28 9.84 29.56
C ASN B 162 9.41 8.96 28.65
N ALA B 163 8.89 9.56 27.59
CA ALA B 163 7.91 8.90 26.68
C ALA B 163 8.54 8.53 25.33
N VAL B 164 7.95 7.53 24.68
CA VAL B 164 8.39 7.09 23.32
C VAL B 164 7.08 6.80 22.54
N VAL B 165 6.96 7.19 21.28
CA VAL B 165 5.75 6.69 20.55
C VAL B 165 6.11 5.38 19.85
N VAL B 166 5.20 4.42 19.92
CA VAL B 166 5.39 3.04 19.41
C VAL B 166 4.41 2.86 18.24
N ALA B 167 4.95 2.53 17.06
CA ALA B 167 4.17 2.02 15.92
C ALA B 167 3.95 0.54 16.15
N PRO B 168 2.70 0.08 16.21
CA PRO B 168 2.45 -1.33 16.51
C PRO B 168 2.69 -2.22 15.27
N ASP B 169 3.18 -1.64 14.17
CA ASP B 169 3.38 -2.32 12.84
C ASP B 169 4.48 -1.60 12.02
N ALA B 170 5.47 -2.36 11.56
CA ALA B 170 6.70 -1.87 10.88
C ALA B 170 6.39 -1.29 9.48
N GLY B 171 5.36 -1.79 8.78
CA GLY B 171 4.99 -1.30 7.44
C GLY B 171 4.34 0.07 7.47
N ASP B 172 3.68 0.44 8.58
CA ASP B 172 2.88 1.69 8.72
C ASP B 172 3.60 2.60 9.73
N LEU B 173 4.63 3.33 9.32
CA LEU B 173 5.46 4.13 10.27
C LEU B 173 5.17 5.63 10.16
N LYS B 174 4.69 6.12 9.00
CA LYS B 174 4.59 7.58 8.75
C LYS B 174 3.77 8.24 9.86
N ARG B 175 2.71 7.59 10.36
CA ARG B 175 1.78 8.12 11.40
C ARG B 175 2.53 8.26 12.73
N ALA B 176 3.19 7.20 13.19
CA ALA B 176 3.94 7.20 14.47
C ALA B 176 5.10 8.19 14.37
N SER B 177 5.84 8.26 13.25
CA SER B 177 7.01 9.16 13.17
C SER B 177 6.51 10.61 13.13
N ALA B 178 5.39 10.93 12.47
CA ALA B 178 4.87 12.32 12.42
C ALA B 178 4.35 12.75 13.81
N LEU B 179 3.73 11.83 14.54
CA LEU B 179 3.30 12.07 15.94
C LEU B 179 4.56 12.20 16.83
N ALA B 180 5.55 11.31 16.70
CA ALA B 180 6.82 11.37 17.46
C ALA B 180 7.43 12.75 17.22
N ARG B 181 7.52 13.16 15.96
CA ARG B 181 8.14 14.44 15.55
C ARG B 181 7.37 15.58 16.23
N ARG B 182 6.04 15.57 16.12
CA ARG B 182 5.13 16.62 16.65
C ARG B 182 5.22 16.73 18.18
N LEU B 183 5.41 15.64 18.92
CA LEU B 183 5.49 15.69 20.42
C LEU B 183 6.96 15.84 20.89
N GLY B 184 7.93 15.96 19.97
CA GLY B 184 9.37 15.92 20.29
C GLY B 184 9.77 14.65 21.04
N LEU B 185 9.33 13.47 20.61
CA LEU B 185 9.67 12.19 21.28
C LEU B 185 10.47 11.29 20.36
N PRO B 186 11.18 10.27 20.90
CA PRO B 186 11.74 9.19 20.09
C PRO B 186 10.67 8.16 19.66
N LEU B 187 11.07 7.21 18.81
CA LEU B 187 10.17 6.30 18.08
C LEU B 187 10.63 4.86 18.29
N ALA B 188 9.72 3.97 18.65
CA ALA B 188 9.98 2.52 18.62
C ALA B 188 8.93 1.94 17.69
N PHE B 189 9.13 0.71 17.23
CA PHE B 189 8.10 0.07 16.40
C PHE B 189 8.12 -1.41 16.69
N ILE B 190 6.97 -2.02 16.47
CA ILE B 190 6.80 -3.47 16.62
C ILE B 190 6.70 -4.04 15.21
N ASP B 191 7.48 -5.08 14.94
CA ASP B 191 7.34 -5.93 13.74
C ASP B 191 6.50 -7.13 14.18
N LYS B 192 5.27 -7.23 13.69
CA LYS B 192 4.32 -8.25 14.19
C LYS B 192 4.21 -9.41 13.20
N GLU B 193 3.18 -9.39 12.37
CA GLU B 193 2.57 -10.54 11.63
C GLU B 193 1.34 -11.04 12.42
N ARG B 194 0.22 -11.09 11.70
CA ARG B 194 -1.12 -11.50 12.16
C ARG B 194 -1.21 -13.04 12.08
N VAL B 195 -1.62 -13.70 13.16
CA VAL B 195 -1.78 -15.20 13.22
C VAL B 195 -3.24 -15.55 12.94
N SER B 196 -4.16 -14.68 13.39
CA SER B 196 -5.63 -14.85 13.21
C SER B 196 -6.31 -13.47 13.25
N ASP B 197 -7.63 -13.44 13.15
CA ASP B 197 -8.42 -12.19 13.25
C ASP B 197 -8.24 -11.59 14.66
N THR B 198 -7.88 -12.42 15.64
CA THR B 198 -7.99 -12.03 17.07
C THR B 198 -6.61 -12.10 17.77
N GLU B 199 -5.55 -12.54 17.08
CA GLU B 199 -4.21 -12.86 17.67
C GLU B 199 -3.09 -12.36 16.74
N VAL B 200 -2.07 -11.73 17.32
CA VAL B 200 -0.82 -11.31 16.59
C VAL B 200 0.41 -11.83 17.35
N ARG B 201 1.50 -12.11 16.60
CA ARG B 201 2.82 -12.55 17.13
C ARG B 201 3.83 -11.40 16.91
N VAL B 202 4.36 -10.82 17.98
CA VAL B 202 5.46 -9.80 17.96
C VAL B 202 6.79 -10.51 17.66
N ARG B 203 7.34 -10.32 16.45
CA ARG B 203 8.55 -11.03 15.95
C ARG B 203 9.78 -10.22 16.36
N MET B 204 9.65 -8.89 16.50
CA MET B 204 10.79 -8.01 16.85
C MET B 204 10.28 -6.70 17.45
N LEU B 205 11.05 -6.10 18.37
CA LEU B 205 10.80 -4.75 18.93
C LEU B 205 12.03 -3.86 18.74
N VAL B 206 11.90 -2.76 18.00
CA VAL B 206 13.02 -1.86 17.64
C VAL B 206 12.79 -0.54 18.37
N GLY B 207 13.85 0.00 18.97
CA GLY B 207 13.85 1.27 19.72
C GLY B 207 14.03 1.03 21.21
N GLU B 208 14.11 2.12 21.99
CA GLU B 208 14.39 2.08 23.46
C GLU B 208 13.10 2.28 24.24
N VAL B 209 12.56 1.24 24.89
CA VAL B 209 11.29 1.36 25.66
C VAL B 209 11.54 1.13 27.16
N GLU B 210 12.73 0.66 27.54
CA GLU B 210 13.00 0.28 28.95
C GLU B 210 12.62 1.45 29.87
N GLY B 211 11.70 1.18 30.79
CA GLY B 211 11.29 2.08 31.88
C GLY B 211 10.62 3.35 31.36
N LYS B 212 10.21 3.35 30.08
CA LYS B 212 9.57 4.53 29.43
C LYS B 212 8.04 4.42 29.49
N THR B 213 7.35 5.55 29.36
CA THR B 213 5.89 5.55 29.14
C THR B 213 5.70 5.44 27.63
N ALA B 214 5.13 4.34 27.18
CA ALA B 214 5.03 4.04 25.74
C ALA B 214 3.66 4.54 25.26
N LEU B 215 3.65 5.31 24.16
CA LEU B 215 2.41 5.83 23.52
C LEU B 215 2.13 5.05 22.23
N ILE B 216 1.26 4.03 22.28
CA ILE B 216 0.86 3.28 21.06
C ILE B 216 -0.08 4.20 20.26
N VAL B 217 0.20 4.41 18.98
CA VAL B 217 -0.77 5.09 18.05
C VAL B 217 -1.04 4.13 16.89
N ASP B 218 -2.29 3.82 16.62
CA ASP B 218 -2.67 2.90 15.52
C ASP B 218 -3.78 3.57 14.71
N ASP B 219 -4.08 3.07 13.51
CA ASP B 219 -5.26 3.53 12.74
C ASP B 219 -6.56 3.13 13.44
N GLU B 220 -6.65 1.87 13.87
CA GLU B 220 -7.90 1.32 14.42
C GLU B 220 -7.62 0.33 15.56
N ILE B 221 -8.62 0.10 16.36
CA ILE B 221 -8.63 -0.99 17.38
C ILE B 221 -9.89 -1.79 17.12
N SER B 222 -9.74 -3.03 16.63
N SER B 222 -9.74 -3.04 16.66
CA SER B 222 -10.87 -3.91 16.30
CA SER B 222 -10.87 -3.91 16.26
C SER B 222 -11.08 -4.87 17.47
C SER B 222 -11.12 -4.90 17.40
N THR B 223 -10.39 -6.00 17.45
CA THR B 223 -10.50 -7.02 18.53
C THR B 223 -9.59 -6.62 19.69
N ALA B 224 -8.65 -5.70 19.45
CA ALA B 224 -7.65 -5.20 20.43
C ALA B 224 -6.54 -6.23 20.62
N GLY B 225 -6.54 -7.28 19.80
CA GLY B 225 -5.49 -8.30 19.75
C GLY B 225 -4.11 -7.69 19.53
N SER B 226 -3.94 -6.82 18.54
CA SER B 226 -2.64 -6.16 18.27
C SER B 226 -2.27 -5.20 19.42
N LEU B 227 -3.26 -4.47 19.96
CA LEU B 227 -3.02 -3.52 21.07
C LEU B 227 -2.47 -4.28 22.30
N VAL B 228 -3.17 -5.32 22.77
CA VAL B 228 -2.82 -5.97 24.08
C VAL B 228 -1.52 -6.75 23.89
N GLU B 229 -1.29 -7.37 22.72
CA GLU B 229 0.01 -8.04 22.44
C GLU B 229 1.12 -6.98 22.41
N ALA B 230 0.92 -5.81 21.83
CA ALA B 230 1.97 -4.77 21.80
C ALA B 230 2.25 -4.32 23.25
N VAL B 231 1.19 -4.15 24.05
CA VAL B 231 1.32 -3.77 25.49
C VAL B 231 2.06 -4.92 26.22
N GLU B 232 1.60 -6.16 26.09
CA GLU B 232 2.32 -7.34 26.68
C GLU B 232 3.80 -7.25 26.28
N ALA B 233 4.12 -7.09 24.99
CA ALA B 233 5.51 -7.06 24.48
C ALA B 233 6.30 -5.84 25.03
N LEU B 234 5.69 -4.66 25.18
CA LEU B 234 6.38 -3.46 25.75
C LEU B 234 6.65 -3.67 27.24
N MET B 235 5.68 -4.14 28.03
CA MET B 235 5.86 -4.39 29.49
C MET B 235 6.93 -5.49 29.69
N GLN B 236 6.88 -6.54 28.88
CA GLN B 236 7.86 -7.65 28.89
C GLN B 236 9.25 -7.08 28.62
N ALA B 237 9.35 -6.10 27.71
CA ALA B 237 10.59 -5.38 27.32
C ALA B 237 11.01 -4.36 28.39
N GLY B 238 10.15 -4.06 29.36
CA GLY B 238 10.54 -3.22 30.52
C GLY B 238 9.95 -1.83 30.48
N ALA B 239 8.95 -1.57 29.62
CA ALA B 239 8.24 -0.28 29.64
C ALA B 239 7.75 -0.01 31.07
N LYS B 240 7.73 1.25 31.51
CA LYS B 240 7.08 1.63 32.79
C LYS B 240 5.56 1.44 32.70
N GLU B 241 4.98 2.03 31.66
CA GLU B 241 3.52 2.02 31.47
C GLU B 241 3.23 2.19 29.98
N VAL B 242 2.00 1.87 29.57
CA VAL B 242 1.58 2.07 28.15
C VAL B 242 0.25 2.82 28.12
N TYR B 243 0.16 3.80 27.24
CA TYR B 243 -1.08 4.49 26.82
C TYR B 243 -1.28 4.17 25.34
N ALA B 244 -2.51 4.23 24.85
CA ALA B 244 -2.76 3.98 23.41
C ALA B 244 -3.80 4.96 22.87
N ALA B 245 -3.72 5.25 21.57
CA ALA B 245 -4.77 5.99 20.86
C ALA B 245 -4.88 5.44 19.45
N ALA B 246 -6.07 5.54 18.88
CA ALA B 246 -6.29 5.13 17.47
C ALA B 246 -7.35 6.06 16.92
N THR B 247 -7.47 6.16 15.61
CA THR B 247 -8.60 6.94 15.07
C THR B 247 -9.88 6.19 15.35
N HIS B 248 -9.92 4.94 14.93
CA HIS B 248 -11.17 4.18 14.82
C HIS B 248 -11.26 3.21 16.00
N GLY B 249 -12.16 3.54 16.93
CA GLY B 249 -12.48 2.67 18.07
C GLY B 249 -13.60 1.74 17.66
N VAL B 250 -13.25 0.62 17.05
CA VAL B 250 -14.26 -0.30 16.47
C VAL B 250 -14.76 -1.19 17.62
N TYR B 251 -13.84 -1.71 18.40
CA TYR B 251 -14.11 -2.38 19.70
C TYR B 251 -15.13 -3.51 19.54
N VAL B 252 -14.75 -4.55 18.80
CA VAL B 252 -15.64 -5.72 18.56
C VAL B 252 -15.13 -6.94 19.31
N GLY B 253 -16.00 -7.94 19.44
CA GLY B 253 -15.71 -9.22 20.10
C GLY B 253 -15.10 -8.97 21.47
N PRO B 254 -13.89 -9.49 21.72
CA PRO B 254 -13.29 -9.44 23.05
C PRO B 254 -12.57 -8.12 23.42
N ALA B 255 -12.66 -7.09 22.57
CA ALA B 255 -11.89 -5.85 22.72
C ALA B 255 -12.04 -5.22 24.12
N LEU B 256 -13.25 -4.94 24.59
CA LEU B 256 -13.42 -4.08 25.81
C LEU B 256 -12.90 -4.85 27.01
N ASP B 257 -13.15 -6.16 27.04
CA ASP B 257 -12.65 -7.08 28.08
C ASP B 257 -11.13 -7.14 28.01
N ARG B 258 -10.56 -7.20 26.82
CA ARG B 258 -9.10 -7.28 26.63
C ARG B 258 -8.44 -5.99 27.10
N ILE B 259 -9.02 -4.83 26.79
CA ILE B 259 -8.45 -3.51 27.20
C ILE B 259 -8.56 -3.40 28.72
N ALA B 260 -9.77 -3.60 29.26
CA ALA B 260 -10.01 -3.52 30.73
C ALA B 260 -8.96 -4.41 31.44
N LYS B 261 -8.72 -5.63 30.94
CA LYS B 261 -7.75 -6.59 31.52
C LYS B 261 -6.29 -6.17 31.35
N SER B 262 -5.91 -5.68 30.17
CA SER B 262 -4.53 -5.20 29.84
C SER B 262 -4.09 -4.16 30.86
N PRO B 263 -2.78 -4.08 31.17
CA PRO B 263 -2.24 -2.99 31.98
C PRO B 263 -2.25 -1.61 31.31
N VAL B 264 -2.65 -1.51 30.04
CA VAL B 264 -2.75 -0.19 29.37
C VAL B 264 -3.57 0.77 30.27
N LYS B 265 -3.09 1.99 30.44
CA LYS B 265 -3.60 2.98 31.43
C LYS B 265 -4.86 3.62 30.87
N GLU B 266 -4.81 3.98 29.58
CA GLU B 266 -5.96 4.63 28.91
C GLU B 266 -5.89 4.33 27.42
N VAL B 267 -7.06 4.33 26.79
CA VAL B 267 -7.19 4.10 25.32
C VAL B 267 -8.14 5.18 24.76
N ALA B 268 -7.61 6.06 23.92
CA ALA B 268 -8.38 7.15 23.29
C ALA B 268 -8.68 6.72 21.85
N ALA B 269 -9.88 7.01 21.39
CA ALA B 269 -10.24 6.90 19.96
C ALA B 269 -11.24 8.00 19.62
N THR B 270 -11.40 8.28 18.35
CA THR B 270 -12.37 9.28 17.86
C THR B 270 -13.77 8.63 17.88
N ASP B 271 -14.73 9.43 17.49
CA ASP B 271 -16.14 8.99 17.32
C ASP B 271 -16.45 8.72 15.85
N THR B 272 -15.46 8.33 15.04
CA THR B 272 -15.78 7.86 13.65
C THR B 272 -16.73 6.68 13.77
N CYS B 273 -16.53 5.88 14.82
CA CYS B 273 -17.42 4.79 15.23
C CYS B 273 -18.07 5.17 16.56
N PRO B 274 -19.37 4.87 16.75
CA PRO B 274 -20.05 5.21 17.99
C PRO B 274 -19.28 4.66 19.18
N PRO B 275 -18.85 5.54 20.13
CA PRO B 275 -18.06 5.08 21.26
C PRO B 275 -18.84 4.08 22.12
N LYS B 276 -18.09 3.17 22.74
CA LYS B 276 -18.62 2.19 23.70
C LYS B 276 -18.07 2.57 25.07
N GLU B 277 -18.90 2.65 26.10
CA GLU B 277 -18.41 3.18 27.40
C GLU B 277 -17.52 2.10 28.02
N GLY B 278 -16.42 2.52 28.60
CA GLY B 278 -15.47 1.67 29.36
C GLY B 278 -14.66 2.59 30.26
N PRO B 279 -14.24 2.13 31.46
CA PRO B 279 -13.55 2.99 32.42
C PRO B 279 -12.25 3.61 31.89
N LYS B 280 -11.53 2.88 31.00
CA LYS B 280 -10.21 3.29 30.46
C LYS B 280 -10.36 3.82 29.03
N LEU B 281 -11.59 3.96 28.54
CA LEU B 281 -11.81 4.48 27.16
C LEU B 281 -12.13 5.97 27.22
N ARG B 282 -11.54 6.73 26.32
CA ARG B 282 -11.78 8.18 26.14
C ARG B 282 -12.20 8.42 24.70
N THR B 283 -13.15 9.31 24.49
CA THR B 283 -13.58 9.75 23.14
C THR B 283 -12.96 11.11 22.80
N LEU B 284 -12.36 11.20 21.61
CA LEU B 284 -11.85 12.46 21.04
C LEU B 284 -12.77 12.78 19.88
N THR B 285 -13.71 13.71 20.06
CA THR B 285 -14.70 13.95 19.00
C THR B 285 -14.01 14.49 17.74
N VAL B 286 -14.41 14.00 16.56
CA VAL B 286 -13.95 14.61 15.26
C VAL B 286 -15.14 15.23 14.53
N ALA B 287 -16.29 15.38 15.19
CA ALA B 287 -17.43 16.10 14.57
C ALA B 287 -17.02 17.49 14.08
N PRO B 288 -16.33 18.34 14.87
CA PRO B 288 -16.01 19.71 14.41
C PRO B 288 -15.14 19.69 13.15
N LEU B 289 -14.20 18.77 13.11
CA LEU B 289 -13.22 18.58 12.02
C LEU B 289 -13.98 18.10 10.77
N PHE B 290 -14.89 17.13 10.87
CA PHE B 290 -15.72 16.75 9.70
C PHE B 290 -16.57 17.93 9.26
N ALA B 291 -17.18 18.67 10.20
CA ALA B 291 -18.01 19.87 9.84
C ALA B 291 -17.16 20.90 9.09
N GLU B 292 -15.98 21.21 9.60
CA GLU B 292 -15.12 22.23 8.98
C GLU B 292 -14.79 21.73 7.55
N ALA B 293 -14.43 20.46 7.41
CA ALA B 293 -14.07 19.89 6.07
C ALA B 293 -15.27 19.99 5.12
N ILE B 294 -16.48 19.63 5.57
CA ILE B 294 -17.70 19.71 4.72
C ILE B 294 -17.96 21.16 4.31
N TRP B 295 -17.87 22.11 5.24
CA TRP B 295 -18.09 23.55 4.94
C TRP B 295 -17.12 23.93 3.83
N ARG B 296 -15.85 23.55 3.97
CA ARG B 296 -14.77 23.90 3.01
C ARG B 296 -15.02 23.24 1.65
N ILE B 297 -15.43 21.98 1.62
CA ILE B 297 -15.76 21.25 0.36
C ILE B 297 -16.90 22.02 -0.30
N HIS B 298 -17.94 22.35 0.46
CA HIS B 298 -19.15 23.06 0.00
C HIS B 298 -18.74 24.39 -0.64
N ARG B 299 -17.88 25.14 0.03
CA ARG B 299 -17.57 26.53 -0.37
C ARG B 299 -16.40 26.55 -1.35
N GLY B 300 -15.67 25.45 -1.51
CA GLY B 300 -14.50 25.42 -2.39
C GLY B 300 -13.29 26.05 -1.71
N GLU B 301 -13.17 25.91 -0.39
CA GLU B 301 -12.01 26.45 0.36
C GLU B 301 -11.02 25.32 0.63
N SER B 302 -9.80 25.69 0.99
CA SER B 302 -8.72 24.71 1.23
C SER B 302 -9.09 23.76 2.38
N VAL B 303 -9.10 22.46 2.09
CA VAL B 303 -9.24 21.38 3.11
C VAL B 303 -7.84 20.96 3.57
N SER B 304 -6.81 21.02 2.71
CA SER B 304 -5.45 20.54 3.05
C SER B 304 -4.91 21.36 4.23
N SER B 305 -5.30 22.64 4.39
CA SER B 305 -4.81 23.55 5.47
C SER B 305 -5.34 23.09 6.84
N LEU B 306 -6.30 22.14 6.87
CA LEU B 306 -6.46 21.11 7.95
C LEU B 306 -5.62 19.86 7.59
N PHE B 307 -6.17 18.97 6.73
CA PHE B 307 -6.06 17.47 6.66
C PHE B 307 -4.63 16.90 6.55
N THR B 308 -4.56 15.58 6.75
CA THR B 308 -3.57 14.56 6.27
C THR B 308 -2.12 14.92 6.68
PB ADP C . 8.66 4.42 -0.19
O1B ADP C . 8.42 3.08 0.52
O2B ADP C . 7.80 4.58 -1.42
O3B ADP C . 10.10 4.81 -0.43
PA ADP C . 7.69 6.90 0.48
O1A ADP C . 6.38 6.79 -0.24
O2A ADP C . 7.76 7.77 1.69
O3A ADP C . 8.16 5.45 0.92
O5' ADP C . 8.88 7.27 -0.56
C5' ADP C . 8.58 7.79 -1.88
C4' ADP C . 9.58 8.87 -2.28
O4' ADP C . 9.92 8.66 -3.68
C3' ADP C . 9.07 10.32 -2.22
O3' ADP C . 7.98 10.54 -1.33
C2' ADP C . 8.45 10.50 -3.60
O2' ADP C . 8.44 11.85 -3.96
C1' ADP C . 9.38 9.66 -4.49
N9 ADP C . 8.67 9.04 -5.62
C8 ADP C . 7.32 8.95 -5.84
N7 ADP C . 7.01 8.37 -6.97
C5 ADP C . 8.23 8.06 -7.54
C6 ADP C . 8.59 7.44 -8.74
N6 ADP C . 7.69 6.97 -9.61
N1 ADP C . 9.91 7.29 -9.03
C2 ADP C . 10.80 7.73 -8.13
N3 ADP C . 10.58 8.31 -6.95
C4 ADP C . 9.26 8.48 -6.72
S SO4 D . 18.32 2.25 -3.50
O1 SO4 D . 19.40 1.47 -2.90
O2 SO4 D . 17.10 1.48 -3.43
O3 SO4 D . 18.15 3.46 -2.72
O4 SO4 D . 18.59 2.53 -4.88
S SO4 E . -4.19 -19.50 -10.49
O1 SO4 E . -4.78 -19.94 -11.67
O2 SO4 E . -3.78 -20.63 -9.68
O3 SO4 E . -3.02 -18.71 -10.77
O4 SO4 E . -5.14 -18.73 -9.72
S SO4 F . 8.45 -9.97 -4.13
O1 SO4 F . 7.56 -11.08 -3.86
O2 SO4 F . 9.15 -10.25 -5.37
O3 SO4 F . 9.44 -9.83 -3.03
O4 SO4 F . 7.70 -8.78 -4.29
S SO4 G . 19.98 9.64 -3.34
O1 SO4 G . 20.26 8.45 -2.58
O2 SO4 G . 19.24 9.32 -4.53
O3 SO4 G . 19.21 10.50 -2.50
O4 SO4 G . 21.20 10.27 -3.73
S SO4 H . -7.15 22.01 -1.18
O1 SO4 H . -7.68 21.13 -0.21
O2 SO4 H . -6.44 21.25 -2.19
O3 SO4 H . -8.23 22.76 -1.82
O4 SO4 H . -6.22 22.90 -0.54
PB ADP I . -2.97 -4.89 6.59
O1B ADP I . -3.94 -4.89 5.38
O2B ADP I . -3.69 -4.69 7.91
O3B ADP I . -1.82 -3.94 6.41
PA ADP I . -2.31 -7.06 8.23
O1A ADP I . -1.17 -8.00 8.17
O2A ADP I . -2.44 -5.99 9.27
O3A ADP I . -2.32 -6.34 6.80
O5' ADP I . -3.68 -7.89 8.25
C5' ADP I . -4.25 -8.29 6.98
C4' ADP I . -5.16 -9.46 7.19
O4' ADP I . -6.37 -9.00 7.85
C3' ADP I . -5.63 -10.14 5.90
O3' ADP I . -4.71 -11.10 5.42
C2' ADP I . -6.93 -10.77 6.38
O2' ADP I . -6.69 -11.99 7.06
C1' ADP I . -7.46 -9.68 7.31
N9 ADP I . -8.36 -8.71 6.70
C8 ADP I . -8.47 -8.35 5.37
N7 ADP I . -9.45 -7.49 5.15
C5 ADP I . -10.02 -7.32 6.41
C6 ADP I . -11.11 -6.54 6.85
N6 ADP I . -11.83 -5.80 6.03
N1 ADP I . -11.46 -6.65 8.16
C2 ADP I . -10.71 -7.40 8.97
N3 ADP I . -9.65 -8.14 8.68
C4 ADP I . -9.36 -8.07 7.36
S SO4 J . -7.05 -5.79 15.92
O1 SO4 J . -8.11 -6.74 15.79
O2 SO4 J . -5.88 -6.40 16.47
O3 SO4 J . -6.70 -5.30 14.60
O4 SO4 J . -7.49 -4.70 16.82
S SO4 K . -3.79 9.78 9.76
O1 SO4 K . -2.84 9.04 10.57
O2 SO4 K . -4.15 9.02 8.60
O3 SO4 K . -4.96 10.08 10.55
O4 SO4 K . -3.19 11.01 9.32
S SO4 L . -9.15 -13.58 24.80
O1 SO4 L . -9.06 -14.39 26.00
O2 SO4 L . -9.91 -14.30 23.77
O3 SO4 L . -9.86 -12.33 25.08
O4 SO4 L . -7.79 -13.30 24.36
#